data_7F4I
#
_entry.id   7F4I
#
_cell.length_a   1.00
_cell.length_b   1.00
_cell.length_c   1.00
_cell.angle_alpha   90.00
_cell.angle_beta   90.00
_cell.angle_gamma   90.00
#
_symmetry.space_group_name_H-M   'P 1'
#
loop_
_entity.id
_entity.type
_entity.pdbx_description
1 polymer 'Guanine nucleotide-binding protein G(I)/G(S)/G(O) subunit gamma-2'
2 polymer 'Guanine nucleotide-binding protein G(i) subunit alpha-1'
3 polymer 'Nanobody 35'
4 polymer 'Guanine nucleotide-binding protein G(I)/G(S)/G(T) subunit beta-1'
5 polymer 'Melanocortin-1 receptor'
6 polymer SHU9119
7 non-polymer 'CALCIUM ION'
#
loop_
_entity_poly.entity_id
_entity_poly.type
_entity_poly.pdbx_seq_one_letter_code
_entity_poly.pdbx_strand_id
1 'polypeptide(L)' MASNNTASIAQARKLVEQLKMEANIDRIKVSKAAADLMAYCEAHAKEDPLLTPVPASENPFREKKFFCAIL G
2 'polypeptide(L)'
;MGCTLSAEDKAAVERSKMIEKQLQKDKQVYRATHRLLLLGADNSGKSTIVKQMRIYHVNGYSEEECKQYKAVVYSNTIQS
IIAIIRAMGRLKIDFGDSARADDARQLFVLAGAAEEGFMTAELAGVIKRLWKDSGVQACFNRSREYQLNDSAAYYLNDLD
RIAQPNYIPTQQDVLRTRVKTSGIFETKFQVDKVNFHMFDVGAQRDERRKWIQCFNDVTAIIFVVDSSDYNRLQEALNDF
KSIWNNRWLRTISVILFLNKQDLLAEKVLAGKSKIEDYFPEFARYTTPEDATPEPGEDPRVTRAKYFIRDEFLRISTASG
DGRHYCYPHFTCSVDTENARRIFNDCRDIIQRMHLRQYELL
;
A
3 'polypeptide(L)'
;MKYLLPTAAAGLLLLAAQPAMAQVQLQESGGGLVQPGGSLRLSCAASGFTFSNYKMNWVRQAPGKGLEWVSDISQSGASI
SYTGSVKGRFTISRDNAKNTLYLQMNSLKPEDTAVYYCARCPAPFTRDCFDVTSTTYAYRGQGTQVTVSSHHHHHHEPEA
;
N
4 'polypeptide(L)'
;MGSLLQSELDQLRQEAEQLKNQIRDARKACADATLSQITNNIDPVGRIQMRTRRTLRGHLAKIYAMHWGTDSRLLVSASQ
DGKLIIWDSYTTNKVHAIPLRSSWVMTCAYAPSGNYVACGGLDNICSIYNLKTREGNVRVSRELAGHTGYLSCCRFLDDN
QIVTSSGDTTCALWDIETGQQTTTFTGHTGDVMSLSLAPDTRLFVSGACDASAKLWDVREGMCRQTFTGHESDINAICFF
PNGNAFATGSDDATCRLFDLRADQELMTYSHDNIICGITSVSFSKSGRLLLAGYDDFNCNVWDALKADRAGVLAGHDNRV
SCLGVTDDGMAVATGSWDSFLKIWNGSSGGGGSGGGGSSGVSGWRLFKKIS
;
B
5 'polypeptide(L)'
;MKTIIALSYIFCLVFAHHHHHHHHHHADLEDNWETLNDNLKVIEKADNAAQVKDALTKMRAAALDAQKATPPKLEDKSPD
SPEMKDFRHGFDILVGQIDDALKLANEGKVKEAQAAAEQLKTTRNAYIQKYLAVQGSQRRLLGSLNSTPTAIPQLGLAAN
QTGARCLEVSISDGLFLSLGLVSLVENALVVATIAKNRNLHSPMYCFICCLALSDLLVSGSNVLETAVILLLEAGALVAR
AAVLQQLDNVIDVITCSSMLSSLCFLGAIAVDRYISIFYALRYHSIVTLPRARRAVAAIWVASVVFSTLFIAYYDHVAVL
LCLVVFFLAMLVLMAVLYVHMLARACQHAQGIARLHKRQRPVHQGFGLKGAVTLTILLGIFFLCWGPFFLHLTLIVLCPE
HPTCGCIFKNFNLFLALIICNAIIDPLIYAFHSQELRRTLKEVLTCSWGSSGGGGSGGGGSSGVFTLEDFVGDWEQTAAY
NLDQVLEQGGVSSLLQNLAVSVTPIQRIVRSGENALKIDIHVIIPYEGLSADQMAQIEEVFKVVYPVDDHHFKVILPYGT
LVIDGVTPNMLNYFGRPYEGIAVFDGKKITVTGTLWNGNKIIDERLITPDGSMLFRVTINS
;
R
6 'polypeptide(L)' (NLE)DH(4J2)RWK U
#
# COMPACT_ATOMS: atom_id res chain seq x y z
N ILE A 9 -23.91 -39.64 -5.81
CA ILE A 9 -22.53 -39.65 -6.27
C ILE A 9 -21.88 -38.31 -5.96
N ALA A 10 -22.47 -37.24 -6.49
CA ALA A 10 -21.87 -35.93 -6.47
C ALA A 10 -21.69 -35.44 -5.03
N GLN A 11 -20.70 -34.55 -4.87
CA GLN A 11 -20.27 -34.02 -3.56
C GLN A 11 -21.37 -33.31 -2.77
N ALA A 12 -22.48 -32.92 -3.40
CA ALA A 12 -23.63 -32.39 -2.65
C ALA A 12 -24.11 -33.32 -1.53
N ARG A 13 -23.82 -34.63 -1.62
CA ARG A 13 -24.08 -35.54 -0.51
C ARG A 13 -23.38 -35.13 0.80
N LYS A 14 -22.13 -34.67 0.71
CA LYS A 14 -21.44 -34.21 1.91
C LYS A 14 -22.00 -32.89 2.43
N LEU A 15 -22.40 -31.99 1.53
CA LEU A 15 -23.01 -30.73 1.95
C LEU A 15 -24.32 -30.96 2.69
N VAL A 16 -25.19 -31.81 2.12
CA VAL A 16 -26.47 -32.11 2.77
C VAL A 16 -26.27 -32.88 4.07
N GLU A 17 -25.28 -33.78 4.13
CA GLU A 17 -24.92 -34.43 5.38
C GLU A 17 -24.48 -33.43 6.44
N GLN A 18 -23.62 -32.48 6.07
CA GLN A 18 -23.20 -31.46 7.03
C GLN A 18 -24.36 -30.56 7.48
N LEU A 19 -25.27 -30.23 6.55
CA LEU A 19 -26.46 -29.48 6.92
C LEU A 19 -27.34 -30.22 7.94
N LYS A 20 -27.56 -31.51 7.72
CA LYS A 20 -28.33 -32.26 8.71
C LYS A 20 -27.56 -32.47 10.01
N MET A 21 -26.23 -32.55 9.95
CA MET A 21 -25.45 -32.53 11.18
C MET A 21 -25.57 -31.20 11.94
N GLU A 22 -25.71 -30.09 11.24
CA GLU A 22 -25.87 -28.77 11.84
C GLU A 22 -27.32 -28.42 12.21
N ALA A 23 -28.32 -29.07 11.61
CA ALA A 23 -29.71 -28.75 11.90
C ALA A 23 -30.13 -29.17 13.31
N ASN A 24 -29.70 -30.35 13.76
CA ASN A 24 -30.22 -30.94 14.99
C ASN A 24 -29.63 -30.38 16.28
N ILE A 25 -28.61 -29.52 16.23
CA ILE A 25 -27.97 -28.98 17.43
C ILE A 25 -28.94 -28.09 18.20
N ASP A 26 -28.70 -27.99 19.51
CA ASP A 26 -29.48 -27.16 20.41
C ASP A 26 -29.21 -25.67 20.24
N ARG A 27 -30.23 -24.85 20.47
CA ARG A 27 -30.13 -23.40 20.28
C ARG A 27 -30.85 -22.63 21.38
N ILE A 28 -30.07 -22.05 22.29
CA ILE A 28 -30.64 -21.14 23.31
C ILE A 28 -31.19 -19.86 22.69
N LYS A 29 -32.11 -19.25 23.44
CA LYS A 29 -32.66 -17.98 23.04
C LYS A 29 -31.55 -16.92 22.96
N VAL A 30 -31.68 -16.05 21.95
CA VAL A 30 -30.80 -14.92 21.75
C VAL A 30 -30.75 -14.00 22.97
N SER A 31 -31.89 -13.85 23.67
CA SER A 31 -31.92 -13.06 24.90
C SER A 31 -31.01 -13.62 25.98
N LYS A 32 -30.88 -14.93 26.07
CA LYS A 32 -30.01 -15.55 27.06
C LYS A 32 -28.54 -15.40 26.71
N ALA A 33 -28.19 -15.58 25.43
CA ALA A 33 -26.84 -15.30 24.97
C ALA A 33 -26.42 -13.86 25.23
N ALA A 34 -27.28 -12.91 24.89
CA ALA A 34 -27.00 -11.50 25.16
C ALA A 34 -26.79 -11.26 26.65
N ALA A 35 -27.66 -11.80 27.47
CA ALA A 35 -27.50 -11.66 28.91
C ALA A 35 -26.17 -12.23 29.39
N ASP A 36 -25.77 -13.39 28.87
CA ASP A 36 -24.47 -13.98 29.25
C ASP A 36 -23.29 -13.09 28.85
N LEU A 37 -23.34 -12.53 27.65
CA LEU A 37 -22.26 -11.66 27.22
C LEU A 37 -22.17 -10.39 28.05
N MET A 38 -23.31 -9.75 28.32
CA MET A 38 -23.23 -8.51 29.10
C MET A 38 -22.90 -8.78 30.56
N ALA A 39 -23.37 -9.90 31.11
CA ALA A 39 -22.96 -10.32 32.45
C ALA A 39 -21.47 -10.55 32.57
N TYR A 40 -20.85 -11.13 31.52
CA TYR A 40 -19.39 -11.28 31.48
C TYR A 40 -18.71 -9.93 31.40
N CYS A 41 -19.16 -9.08 30.47
CA CYS A 41 -18.54 -7.76 30.32
C CYS A 41 -18.58 -7.00 31.65
N GLU A 42 -19.76 -6.93 32.29
CA GLU A 42 -19.86 -6.23 33.55
C GLU A 42 -19.08 -6.94 34.67
N ALA A 43 -18.91 -8.28 34.56
CA ALA A 43 -18.11 -9.01 35.54
C ALA A 43 -16.63 -8.77 35.38
N HIS A 44 -16.18 -8.16 34.28
CA HIS A 44 -14.76 -7.88 34.11
C HIS A 44 -14.48 -6.41 33.80
N ALA A 45 -15.40 -5.49 34.10
CA ALA A 45 -15.23 -4.08 33.76
C ALA A 45 -14.10 -3.41 34.55
N LYS A 46 -13.82 -3.85 35.77
CA LYS A 46 -12.73 -3.24 36.54
C LYS A 46 -11.37 -3.74 36.10
N GLU A 47 -11.30 -5.00 35.66
CA GLU A 47 -10.09 -5.70 35.28
C GLU A 47 -9.55 -5.30 33.92
N ASP A 48 -10.25 -4.47 33.15
CA ASP A 48 -9.85 -4.19 31.78
C ASP A 48 -9.17 -2.83 31.72
N PRO A 49 -7.87 -2.76 31.46
CA PRO A 49 -7.17 -1.45 31.42
C PRO A 49 -7.59 -0.56 30.27
N LEU A 50 -8.09 -1.10 29.16
CA LEU A 50 -8.53 -0.22 28.08
C LEU A 50 -9.86 0.45 28.40
N LEU A 51 -10.74 -0.30 29.05
CA LEU A 51 -12.02 0.26 29.44
C LEU A 51 -11.86 1.18 30.64
N THR A 52 -11.09 0.76 31.64
CA THR A 52 -10.95 1.46 32.92
C THR A 52 -9.48 1.76 33.18
N PRO A 53 -9.00 2.92 32.72
CA PRO A 53 -7.54 3.18 32.71
C PRO A 53 -7.00 3.27 34.13
N VAL A 54 -6.03 2.39 34.42
CA VAL A 54 -5.26 2.40 35.67
C VAL A 54 -4.34 3.63 35.71
N PRO A 55 -4.04 4.17 36.88
CA PRO A 55 -3.24 5.40 36.92
C PRO A 55 -1.84 5.20 36.36
N ALA A 56 -1.27 6.32 35.89
CA ALA A 56 0.01 6.32 35.19
C ALA A 56 1.14 5.68 35.98
N SER A 57 1.06 5.66 37.31
CA SER A 57 2.12 5.06 38.12
C SER A 57 2.27 3.56 37.87
N GLU A 58 1.29 2.91 37.25
CA GLU A 58 1.32 1.46 37.08
C GLU A 58 1.07 1.03 35.64
N ASN A 59 1.31 1.93 34.67
CA ASN A 59 1.29 1.53 33.28
C ASN A 59 2.72 1.33 32.81
N PRO A 60 3.09 0.14 32.32
CA PRO A 60 4.46 -0.04 31.83
C PRO A 60 4.80 0.76 30.58
N PHE A 61 3.82 1.30 29.89
CA PHE A 61 4.01 1.92 28.58
C PHE A 61 4.33 3.42 28.67
N ARG A 62 4.08 4.04 29.82
CA ARG A 62 4.77 5.25 30.18
C ARG A 62 4.67 5.40 31.69
N GLU A 63 5.83 5.35 32.34
CA GLU A 63 6.00 5.38 33.79
C GLU A 63 4.92 4.58 34.52
N LEU B 5 20.73 2.26 34.11
CA LEU B 5 20.65 0.90 33.59
C LEU B 5 21.89 0.09 33.98
N SER B 6 21.79 -1.25 34.01
CA SER B 6 22.91 -2.08 34.46
C SER B 6 22.76 -3.49 33.91
N ALA B 7 23.86 -4.24 33.98
CA ALA B 7 23.89 -5.71 33.77
C ALA B 7 23.15 -6.11 32.49
N GLU B 8 22.16 -7.02 32.56
CA GLU B 8 21.46 -7.52 31.37
C GLU B 8 20.69 -6.46 30.59
N ASP B 9 20.29 -5.34 31.22
CA ASP B 9 19.62 -4.28 30.47
C ASP B 9 20.57 -3.54 29.53
N LYS B 10 21.84 -3.41 29.90
CA LYS B 10 22.87 -2.91 29.01
C LYS B 10 23.18 -3.92 27.91
N ALA B 11 23.26 -5.22 28.24
CA ALA B 11 23.48 -6.23 27.21
C ALA B 11 22.33 -6.26 26.22
N ALA B 12 21.11 -6.00 26.68
CA ALA B 12 19.95 -5.93 25.81
C ALA B 12 20.06 -4.77 24.83
N VAL B 13 20.53 -3.62 25.32
CA VAL B 13 20.80 -2.48 24.42
C VAL B 13 21.95 -2.79 23.43
N GLU B 14 22.96 -3.51 23.91
CA GLU B 14 24.07 -3.94 23.03
C GLU B 14 23.62 -4.86 21.91
N ARG B 15 22.81 -5.86 22.24
CA ARG B 15 22.21 -6.71 21.22
C ARG B 15 21.34 -5.90 20.25
N SER B 16 20.50 -5.00 20.79
CA SER B 16 19.66 -4.17 19.93
C SER B 16 20.51 -3.38 18.93
N LYS B 17 21.66 -2.85 19.37
CA LYS B 17 22.55 -2.12 18.44
C LYS B 17 23.24 -3.02 17.41
N MET B 18 23.59 -4.24 17.78
CA MET B 18 24.10 -5.21 16.79
C MET B 18 23.04 -5.54 15.72
N ILE B 19 21.80 -5.69 16.17
CA ILE B 19 20.67 -5.89 15.26
C ILE B 19 20.50 -4.67 14.34
N GLU B 20 20.52 -3.48 14.92
CA GLU B 20 20.46 -2.26 14.12
C GLU B 20 21.55 -2.20 13.04
N LYS B 21 22.77 -2.58 13.37
CA LYS B 21 23.85 -2.61 12.39
C LYS B 21 23.59 -3.61 11.25
N GLN B 22 23.00 -4.77 11.60
CA GLN B 22 22.64 -5.71 10.54
C GLN B 22 21.46 -5.21 9.71
N LEU B 23 20.44 -4.64 10.35
CA LEU B 23 19.33 -4.02 9.61
C LEU B 23 19.82 -2.91 8.67
N GLN B 24 20.77 -2.08 9.12
CA GLN B 24 21.36 -1.06 8.24
C GLN B 24 22.15 -1.67 7.09
N LYS B 25 22.65 -2.89 7.27
CA LYS B 25 23.30 -3.52 6.13
C LYS B 25 22.33 -4.19 5.17
N ASP B 26 21.26 -4.77 5.68
CA ASP B 26 20.21 -5.37 4.84
C ASP B 26 19.39 -4.34 4.09
N LYS B 27 19.17 -3.18 4.69
CA LYS B 27 18.46 -2.10 3.99
C LYS B 27 19.11 -1.71 2.67
N GLN B 28 20.44 -1.73 2.61
CA GLN B 28 21.14 -1.40 1.35
C GLN B 28 20.81 -2.40 0.22
N VAL B 29 20.89 -3.69 0.52
CA VAL B 29 20.52 -4.72 -0.47
C VAL B 29 19.06 -4.61 -0.85
N TYR B 30 18.19 -4.35 0.13
CA TYR B 30 16.76 -4.20 -0.17
C TYR B 30 16.51 -3.03 -1.12
N ARG B 31 17.07 -1.86 -0.81
CA ARG B 31 16.89 -0.68 -1.64
C ARG B 31 17.57 -0.79 -3.00
N ALA B 32 18.71 -1.48 -3.09
CA ALA B 32 19.41 -1.63 -4.36
C ALA B 32 18.85 -2.72 -5.25
N THR B 33 17.88 -3.51 -4.77
CA THR B 33 17.25 -4.52 -5.60
C THR B 33 15.84 -4.07 -5.98
N HIS B 34 15.51 -4.31 -7.25
CA HIS B 34 14.23 -3.95 -7.86
C HIS B 34 13.40 -5.21 -8.03
N ARG B 35 12.15 -5.12 -7.54
CA ARG B 35 11.26 -6.27 -7.47
C ARG B 35 10.18 -6.21 -8.56
N LEU B 36 9.91 -7.35 -9.20
CA LEU B 36 8.98 -7.45 -10.31
C LEU B 36 8.04 -8.63 -10.10
N LEU B 37 6.78 -8.44 -10.46
CA LEU B 37 5.80 -9.52 -10.53
C LEU B 37 5.63 -9.93 -11.99
N LEU B 38 5.99 -11.17 -12.30
CA LEU B 38 5.68 -11.78 -13.60
C LEU B 38 4.30 -12.44 -13.57
N LEU B 39 3.39 -11.98 -14.42
CA LEU B 39 2.00 -12.37 -14.35
C LEU B 39 1.48 -12.73 -15.74
N GLY B 40 0.73 -13.84 -15.83
CA GLY B 40 0.26 -14.26 -17.15
C GLY B 40 -0.48 -15.58 -17.19
N ALA B 41 -1.38 -15.71 -18.16
CA ALA B 41 -2.16 -16.94 -18.30
C ALA B 41 -1.28 -18.13 -18.71
N ASP B 42 -1.86 -19.33 -18.53
CA ASP B 42 -1.16 -20.59 -18.78
C ASP B 42 -0.74 -20.73 -20.24
N ASN B 43 -1.46 -20.09 -21.17
CA ASN B 43 -1.05 -20.12 -22.57
C ASN B 43 0.04 -19.10 -22.85
N SER B 44 0.18 -18.06 -22.02
CA SER B 44 1.23 -17.10 -22.21
C SER B 44 2.59 -17.71 -21.88
N GLY B 45 3.60 -17.27 -22.64
CA GLY B 45 4.94 -17.82 -22.55
C GLY B 45 5.79 -17.38 -21.37
N LYS B 46 5.17 -17.15 -20.21
CA LYS B 46 5.90 -16.61 -19.05
C LYS B 46 7.01 -17.57 -18.58
N SER B 47 6.75 -18.88 -18.68
CA SER B 47 7.76 -19.86 -18.31
C SER B 47 8.99 -19.86 -19.23
N THR B 48 8.79 -19.73 -20.56
CA THR B 48 9.94 -19.70 -21.47
C THR B 48 10.69 -18.37 -21.38
N ILE B 49 10.02 -17.27 -21.02
CA ILE B 49 10.72 -16.05 -20.64
C ILE B 49 11.61 -16.27 -19.41
N VAL B 50 11.05 -16.84 -18.34
CA VAL B 50 11.83 -17.16 -17.13
C VAL B 50 13.04 -18.03 -17.46
N LYS B 51 12.83 -19.10 -18.23
CA LYS B 51 13.94 -19.96 -18.61
C LYS B 51 15.01 -19.24 -19.44
N GLN B 52 14.69 -18.15 -20.11
CA GLN B 52 15.70 -17.36 -20.82
C GLN B 52 16.07 -16.06 -20.14
N MET B 53 15.75 -15.92 -18.87
CA MET B 53 16.45 -14.94 -18.04
C MET B 53 17.77 -15.47 -17.52
N ARG B 54 18.00 -16.79 -17.60
CA ARG B 54 19.21 -17.39 -17.04
C ARG B 54 20.49 -16.97 -17.77
N ILE B 55 20.36 -16.42 -18.99
CA ILE B 55 21.48 -15.71 -19.62
C ILE B 55 21.99 -14.58 -18.73
N TYR B 56 21.10 -13.91 -17.99
CA TYR B 56 21.44 -12.72 -17.21
C TYR B 56 21.58 -13.02 -15.74
N HIS B 57 21.55 -14.29 -15.35
CA HIS B 57 21.74 -14.65 -13.96
C HIS B 57 23.20 -14.46 -13.57
N THR B 181 5.20 -27.81 -4.85
CA THR B 181 4.03 -27.38 -4.11
C THR B 181 4.32 -25.92 -3.74
N SER B 182 5.49 -25.48 -4.17
CA SER B 182 5.94 -24.13 -3.88
C SER B 182 4.99 -23.12 -4.50
N GLY B 183 4.52 -22.19 -3.64
CA GLY B 183 3.53 -21.21 -4.06
C GLY B 183 4.07 -20.04 -4.86
N ILE B 184 5.38 -19.83 -4.85
CA ILE B 184 6.00 -18.73 -5.58
C ILE B 184 7.39 -19.11 -6.03
N PHE B 185 7.79 -18.57 -7.17
CA PHE B 185 9.13 -18.79 -7.70
C PHE B 185 9.87 -17.44 -7.83
N GLU B 186 11.19 -17.49 -7.62
CA GLU B 186 12.02 -16.29 -7.63
C GLU B 186 13.11 -16.44 -8.69
N THR B 187 13.16 -15.48 -9.62
CA THR B 187 14.21 -15.36 -10.62
C THR B 187 15.04 -14.11 -10.39
N LYS B 188 16.34 -14.28 -10.18
CA LYS B 188 17.27 -13.16 -9.98
C LYS B 188 18.13 -12.98 -11.22
N PHE B 189 18.16 -11.75 -11.74
CA PHE B 189 18.95 -11.42 -12.92
C PHE B 189 19.48 -10.00 -12.78
N GLN B 190 20.55 -9.71 -13.53
CA GLN B 190 21.28 -8.45 -13.43
C GLN B 190 21.44 -7.83 -14.82
N VAL B 191 21.19 -6.53 -14.91
CA VAL B 191 21.49 -5.76 -16.12
C VAL B 191 22.29 -4.51 -15.72
N ASP B 192 23.43 -4.31 -16.37
CA ASP B 192 24.30 -3.15 -16.15
C ASP B 192 24.51 -2.90 -14.67
N LYS B 193 24.77 -3.95 -13.91
CA LYS B 193 24.96 -3.88 -12.46
C LYS B 193 23.75 -3.31 -11.73
N VAL B 194 22.54 -3.55 -12.24
CA VAL B 194 21.32 -3.38 -11.48
C VAL B 194 20.72 -4.76 -11.26
N ASN B 195 20.30 -5.04 -10.05
CA ASN B 195 19.82 -6.36 -9.64
C ASN B 195 18.30 -6.38 -9.64
N PHE B 196 17.74 -7.34 -10.34
CA PHE B 196 16.29 -7.51 -10.46
C PHE B 196 15.83 -8.81 -9.82
N HIS B 197 14.78 -8.73 -9.01
CA HIS B 197 14.08 -9.91 -8.49
C HIS B 197 12.73 -10.03 -9.20
N MET B 198 12.53 -11.13 -9.95
CA MET B 198 11.28 -11.33 -10.70
C MET B 198 10.56 -12.54 -10.13
N PHE B 199 9.31 -12.34 -9.69
CA PHE B 199 8.53 -13.35 -8.98
C PHE B 199 7.45 -13.94 -9.90
N ASP B 200 7.45 -15.27 -10.02
CA ASP B 200 6.46 -16.01 -10.80
C ASP B 200 5.61 -16.79 -9.80
N VAL B 201 4.29 -16.54 -9.82
CA VAL B 201 3.35 -17.12 -8.87
C VAL B 201 3.04 -18.56 -9.24
N GLY B 202 3.28 -19.48 -8.30
CA GLY B 202 3.29 -20.90 -8.62
C GLY B 202 2.00 -21.61 -8.30
N ALA B 203 2.07 -22.57 -7.38
CA ALA B 203 0.93 -23.41 -7.01
C ALA B 203 -0.10 -22.69 -6.15
N GLN B 204 -0.62 -21.59 -6.64
CA GLN B 204 -1.80 -20.98 -6.05
C GLN B 204 -3.06 -21.44 -6.79
N ARG B 205 -4.19 -21.26 -6.10
CA ARG B 205 -5.51 -21.43 -6.70
C ARG B 205 -5.81 -20.23 -7.59
N ASP B 206 -6.85 -20.40 -8.42
CA ASP B 206 -7.13 -19.41 -9.46
C ASP B 206 -7.68 -18.12 -8.91
N GLU B 207 -8.41 -18.15 -7.78
CA GLU B 207 -8.83 -16.89 -7.17
C GLU B 207 -7.58 -16.17 -6.64
N ARG B 208 -7.45 -14.90 -7.00
CA ARG B 208 -6.24 -14.15 -6.74
C ARG B 208 -6.48 -12.77 -6.17
N ARG B 209 -7.71 -12.36 -5.89
CA ARG B 209 -7.98 -11.01 -5.37
C ARG B 209 -7.28 -10.71 -4.04
N LYS B 210 -6.93 -11.72 -3.24
CA LYS B 210 -6.31 -11.48 -1.93
C LYS B 210 -4.79 -11.47 -1.95
N TRP B 211 -4.15 -12.47 -2.59
CA TRP B 211 -2.70 -12.51 -2.58
C TRP B 211 -2.11 -11.43 -3.48
N ILE B 212 -2.82 -10.94 -4.50
CA ILE B 212 -2.26 -9.90 -5.38
C ILE B 212 -1.92 -8.62 -4.60
N GLN B 213 -2.62 -8.37 -3.49
CA GLN B 213 -2.36 -7.21 -2.62
C GLN B 213 -0.95 -7.18 -2.01
N CYS B 214 -0.25 -8.32 -1.95
CA CYS B 214 1.14 -8.31 -1.52
C CYS B 214 2.04 -7.46 -2.41
N PHE B 215 1.75 -7.34 -3.71
CA PHE B 215 2.64 -6.71 -4.68
C PHE B 215 2.34 -5.24 -4.88
N ASN B 216 1.76 -4.55 -3.91
CA ASN B 216 1.52 -3.13 -4.05
C ASN B 216 2.77 -2.26 -4.07
N ASP B 217 3.96 -2.84 -3.84
CA ASP B 217 5.19 -2.07 -3.68
C ASP B 217 6.32 -2.62 -4.56
N VAL B 218 5.97 -3.42 -5.57
CA VAL B 218 6.93 -3.79 -6.61
C VAL B 218 7.21 -2.58 -7.49
N THR B 219 8.22 -2.68 -8.36
CA THR B 219 8.45 -1.66 -9.38
C THR B 219 7.51 -1.79 -10.58
N ALA B 220 7.31 -3.01 -11.10
CA ALA B 220 6.39 -3.17 -12.20
C ALA B 220 5.75 -4.55 -12.17
N ILE B 221 4.56 -4.65 -12.74
CA ILE B 221 3.99 -5.90 -13.22
C ILE B 221 4.45 -6.18 -14.65
N ILE B 222 5.09 -7.31 -14.88
CA ILE B 222 5.34 -7.81 -16.22
C ILE B 222 4.17 -8.71 -16.61
N PHE B 223 3.30 -8.20 -17.48
CA PHE B 223 2.10 -8.91 -17.93
C PHE B 223 2.37 -9.51 -19.30
N VAL B 224 2.28 -10.83 -19.42
CA VAL B 224 2.55 -11.56 -20.65
C VAL B 224 1.23 -12.01 -21.28
N VAL B 225 1.10 -11.82 -22.58
CA VAL B 225 -0.11 -12.14 -23.32
C VAL B 225 0.26 -12.99 -24.54
N ASP B 226 -0.53 -14.01 -24.82
CA ASP B 226 -0.44 -14.79 -26.06
C ASP B 226 -1.28 -14.04 -27.10
N SER B 227 -0.61 -13.24 -27.95
CA SER B 227 -1.30 -12.48 -29.00
C SER B 227 -1.98 -13.36 -30.05
N SER B 228 -1.72 -14.68 -30.08
CA SER B 228 -2.28 -15.56 -31.10
C SER B 228 -3.62 -16.17 -30.74
N ASP B 229 -4.03 -16.11 -29.47
CA ASP B 229 -5.29 -16.72 -29.03
C ASP B 229 -6.39 -15.67 -28.97
N TYR B 230 -6.95 -15.34 -30.15
CA TYR B 230 -8.01 -14.34 -30.22
C TYR B 230 -9.20 -14.73 -29.35
N ASN B 231 -9.49 -16.04 -29.26
CA ASN B 231 -10.55 -16.56 -28.40
C ASN B 231 -10.29 -16.32 -26.91
N ARG B 232 -9.06 -16.10 -26.51
CA ARG B 232 -8.75 -15.83 -25.12
C ARG B 232 -8.24 -14.40 -24.88
N LEU B 233 -8.02 -13.61 -25.93
CA LEU B 233 -7.59 -12.23 -25.72
C LEU B 233 -8.57 -11.43 -24.86
N GLN B 234 -9.86 -11.71 -24.95
CA GLN B 234 -10.83 -11.00 -24.11
C GLN B 234 -10.65 -11.27 -22.62
N GLU B 235 -10.43 -12.52 -22.21
CA GLU B 235 -10.17 -12.75 -20.78
C GLU B 235 -8.86 -12.10 -20.36
N ALA B 236 -7.84 -12.09 -21.22
CA ALA B 236 -6.63 -11.35 -20.92
C ALA B 236 -6.89 -9.87 -20.71
N LEU B 237 -7.77 -9.29 -21.51
CA LEU B 237 -8.14 -7.90 -21.34
C LEU B 237 -8.92 -7.65 -20.05
N ASN B 238 -9.81 -8.58 -19.69
CA ASN B 238 -10.51 -8.43 -18.41
C ASN B 238 -9.57 -8.60 -17.23
N ASP B 239 -8.56 -9.47 -17.36
CA ASP B 239 -7.54 -9.60 -16.33
C ASP B 239 -6.74 -8.31 -16.22
N PHE B 240 -6.44 -7.70 -17.35
CA PHE B 240 -5.73 -6.43 -17.34
C PHE B 240 -6.58 -5.33 -16.72
N LYS B 241 -7.86 -5.23 -17.08
CA LYS B 241 -8.76 -4.28 -16.44
C LYS B 241 -8.77 -4.44 -14.92
N SER B 242 -8.78 -5.70 -14.46
CA SER B 242 -8.83 -5.99 -13.03
C SER B 242 -7.55 -5.53 -12.33
N ILE B 243 -6.39 -5.89 -12.90
CA ILE B 243 -5.09 -5.45 -12.36
C ILE B 243 -4.98 -3.92 -12.38
N TRP B 244 -5.37 -3.29 -13.48
CA TRP B 244 -5.19 -1.85 -13.66
C TRP B 244 -6.03 -1.05 -12.67
N ASN B 245 -7.29 -1.42 -12.47
CA ASN B 245 -8.19 -0.63 -11.61
C ASN B 245 -8.19 -1.05 -10.14
N ASN B 246 -7.39 -2.01 -9.74
CA ASN B 246 -7.33 -2.38 -8.32
C ASN B 246 -6.78 -1.24 -7.47
N ARG B 247 -7.42 -1.04 -6.30
CA ARG B 247 -7.11 0.10 -5.43
C ARG B 247 -5.67 0.14 -4.95
N TRP B 248 -5.06 -1.01 -4.71
CA TRP B 248 -3.72 -1.07 -4.10
C TRP B 248 -2.59 -1.09 -5.13
N LEU B 249 -2.82 -1.64 -6.30
CA LEU B 249 -1.90 -1.56 -7.44
C LEU B 249 -2.00 -0.25 -8.20
N ARG B 250 -2.79 0.70 -7.71
CA ARG B 250 -2.95 1.98 -8.38
C ARG B 250 -1.66 2.75 -8.62
N THR B 251 -0.57 2.40 -7.92
CA THR B 251 0.70 3.07 -8.16
C THR B 251 1.61 2.30 -9.13
N ILE B 252 1.28 1.06 -9.47
CA ILE B 252 2.23 0.13 -10.08
C ILE B 252 2.03 0.13 -11.58
N SER B 253 3.12 0.40 -12.30
CA SER B 253 3.13 0.39 -13.76
C SER B 253 3.17 -1.04 -14.26
N VAL B 254 2.67 -1.23 -15.47
CA VAL B 254 2.57 -2.55 -16.10
C VAL B 254 3.48 -2.58 -17.32
N ILE B 255 4.38 -3.55 -17.37
CA ILE B 255 5.21 -3.86 -18.53
C ILE B 255 4.51 -4.99 -19.28
N LEU B 256 4.15 -4.73 -20.55
CA LEU B 256 3.16 -5.53 -21.27
C LEU B 256 3.78 -6.23 -22.46
N PHE B 257 4.19 -7.49 -22.26
CA PHE B 257 4.79 -8.32 -23.31
C PHE B 257 3.69 -8.97 -24.15
N LEU B 258 3.37 -8.40 -25.30
CA LEU B 258 2.47 -9.01 -26.29
C LEU B 258 3.29 -10.09 -27.01
N ASN B 259 3.42 -11.23 -26.34
CA ASN B 259 4.27 -12.34 -26.76
C ASN B 259 3.64 -13.14 -27.89
N LYS B 260 4.44 -14.10 -28.39
CA LYS B 260 4.06 -15.01 -29.48
C LYS B 260 3.69 -14.26 -30.76
N GLN B 261 4.47 -13.23 -31.10
CA GLN B 261 4.24 -12.48 -32.34
C GLN B 261 4.44 -13.30 -33.61
N ASP B 262 5.34 -14.28 -33.59
CA ASP B 262 5.49 -15.19 -34.72
C ASP B 262 4.24 -16.00 -35.02
N LEU B 263 3.61 -16.54 -33.99
CA LEU B 263 2.33 -17.25 -34.18
C LEU B 263 1.25 -16.28 -34.67
N LEU B 264 1.24 -15.06 -34.15
CA LEU B 264 0.27 -14.08 -34.64
C LEU B 264 0.47 -13.81 -36.11
N ALA B 265 1.73 -13.61 -36.52
CA ALA B 265 2.04 -13.32 -37.92
C ALA B 265 1.64 -14.45 -38.83
N GLU B 266 2.03 -15.68 -38.49
CA GLU B 266 1.62 -16.85 -39.27
C GLU B 266 0.11 -17.02 -39.33
N LYS B 267 -0.59 -16.76 -38.23
CA LYS B 267 -2.04 -16.90 -38.20
C LYS B 267 -2.73 -15.88 -39.08
N VAL B 268 -2.30 -14.61 -39.01
CA VAL B 268 -2.86 -13.56 -39.86
C VAL B 268 -2.51 -13.77 -41.34
N LEU B 269 -1.31 -14.25 -41.62
CA LEU B 269 -0.97 -14.55 -43.00
C LEU B 269 -1.77 -15.72 -43.55
N ALA B 270 -1.97 -16.78 -42.75
CA ALA B 270 -2.78 -17.89 -43.24
C ALA B 270 -4.22 -17.50 -43.45
N GLY B 271 -4.73 -16.57 -42.65
CA GLY B 271 -6.04 -16.03 -42.89
C GLY B 271 -7.17 -16.97 -42.56
N LYS B 272 -6.87 -18.20 -42.13
CA LYS B 272 -7.92 -19.17 -41.83
C LYS B 272 -8.79 -18.71 -40.67
N SER B 273 -8.18 -18.16 -39.62
CA SER B 273 -8.93 -17.65 -38.49
C SER B 273 -9.03 -16.14 -38.55
N LYS B 274 -10.26 -15.63 -38.51
CA LYS B 274 -10.51 -14.20 -38.53
C LYS B 274 -10.41 -13.60 -37.13
N ILE B 275 -10.28 -12.27 -37.12
CA ILE B 275 -10.31 -11.50 -35.89
C ILE B 275 -11.58 -10.65 -35.76
N GLU B 276 -12.26 -10.36 -36.87
CA GLU B 276 -13.43 -9.49 -36.86
C GLU B 276 -14.59 -10.07 -36.08
N ASP B 277 -14.74 -11.39 -36.09
CA ASP B 277 -15.81 -12.03 -35.34
C ASP B 277 -15.49 -12.16 -33.88
N TYR B 278 -14.22 -12.01 -33.48
CA TYR B 278 -13.87 -11.87 -32.06
C TYR B 278 -13.90 -10.41 -31.60
N PHE B 279 -13.49 -9.50 -32.49
CA PHE B 279 -13.58 -8.07 -32.20
C PHE B 279 -14.18 -7.36 -33.41
N PRO B 280 -15.46 -6.99 -33.34
CA PRO B 280 -16.15 -6.48 -34.54
C PRO B 280 -15.64 -5.15 -35.03
N GLU B 281 -15.11 -4.30 -34.16
CA GLU B 281 -14.58 -2.99 -34.53
C GLU B 281 -13.23 -3.05 -35.24
N PHE B 282 -12.61 -4.22 -35.39
CA PHE B 282 -11.34 -4.30 -36.11
C PHE B 282 -11.47 -3.83 -37.56
N ALA B 283 -12.59 -4.12 -38.21
CA ALA B 283 -12.80 -3.71 -39.60
C ALA B 283 -12.77 -2.19 -39.81
N ARG B 284 -13.01 -1.41 -38.77
CA ARG B 284 -12.96 0.05 -38.85
C ARG B 284 -11.74 0.64 -38.15
N TYR B 285 -10.71 -0.17 -37.89
CA TYR B 285 -9.45 0.28 -37.33
C TYR B 285 -8.35 0.32 -38.40
N THR B 286 -7.62 1.45 -38.42
CA THR B 286 -6.58 1.72 -39.40
C THR B 286 -5.25 2.09 -38.72
N THR B 287 -4.16 1.55 -39.26
CA THR B 287 -2.86 1.55 -38.61
C THR B 287 -2.39 2.96 -38.29
N PRO B 288 -2.01 3.24 -37.04
CA PRO B 288 -1.61 4.60 -36.65
C PRO B 288 -0.28 5.00 -37.24
N GLU B 289 -0.13 6.31 -37.51
CA GLU B 289 1.17 6.84 -37.92
C GLU B 289 2.23 6.66 -36.82
N ASP B 290 1.81 6.38 -35.59
CA ASP B 290 2.72 5.94 -34.53
C ASP B 290 3.50 4.68 -34.90
N ALA B 291 2.97 3.83 -35.80
CA ALA B 291 3.54 2.52 -36.03
C ALA B 291 4.97 2.61 -36.56
N THR B 292 5.77 1.58 -36.24
CA THR B 292 7.15 1.42 -36.72
C THR B 292 7.36 -0.03 -37.16
N PRO B 293 6.73 -0.45 -38.28
CA PRO B 293 6.79 -1.86 -38.69
C PRO B 293 8.21 -2.33 -39.03
N GLU B 294 8.54 -3.56 -38.60
CA GLU B 294 9.79 -4.19 -39.01
C GLU B 294 9.81 -4.46 -40.52
N PRO B 295 11.00 -4.63 -41.10
CA PRO B 295 11.11 -4.90 -42.54
C PRO B 295 10.31 -6.09 -43.01
N GLY B 296 9.55 -5.89 -44.11
CA GLY B 296 8.78 -6.92 -44.75
C GLY B 296 7.50 -7.30 -44.04
N GLU B 297 7.13 -6.66 -42.93
CA GLU B 297 5.84 -6.92 -42.27
C GLU B 297 4.69 -6.43 -43.14
N ASP B 298 3.80 -7.35 -43.48
CA ASP B 298 2.63 -6.98 -44.25
C ASP B 298 1.75 -6.01 -43.46
N PRO B 299 1.07 -5.09 -44.13
CA PRO B 299 0.06 -4.25 -43.44
C PRO B 299 -1.03 -5.03 -42.72
N ARG B 300 -1.41 -6.21 -43.21
CA ARG B 300 -2.34 -7.09 -42.51
C ARG B 300 -1.85 -7.42 -41.10
N VAL B 301 -0.65 -7.99 -41.02
CA VAL B 301 -0.04 -8.38 -39.73
C VAL B 301 0.22 -7.16 -38.86
N THR B 302 0.70 -6.06 -39.46
CA THR B 302 0.97 -4.84 -38.70
C THR B 302 -0.32 -4.28 -38.09
N ARG B 303 -1.39 -4.25 -38.87
CA ARG B 303 -2.68 -3.74 -38.39
C ARG B 303 -3.27 -4.60 -37.29
N ALA B 304 -3.21 -5.92 -37.43
CA ALA B 304 -3.61 -6.78 -36.32
C ALA B 304 -2.80 -6.55 -35.06
N LYS B 305 -1.48 -6.54 -35.21
CA LYS B 305 -0.54 -6.34 -34.11
C LYS B 305 -0.82 -5.06 -33.33
N TYR B 306 -0.88 -3.93 -34.04
CA TYR B 306 -1.14 -2.66 -33.40
C TYR B 306 -2.60 -2.56 -32.91
N PHE B 307 -3.53 -3.26 -33.53
CA PHE B 307 -4.89 -3.28 -32.99
C PHE B 307 -4.92 -3.87 -31.59
N ILE B 308 -4.27 -5.01 -31.41
CA ILE B 308 -4.17 -5.63 -30.08
C ILE B 308 -3.47 -4.69 -29.09
N ARG B 309 -2.37 -4.10 -29.52
CA ARG B 309 -1.64 -3.15 -28.69
C ARG B 309 -2.54 -2.00 -28.23
N ASP B 310 -3.30 -1.41 -29.14
CA ASP B 310 -4.22 -0.33 -28.77
C ASP B 310 -5.43 -0.82 -27.96
N GLU B 311 -5.81 -2.10 -28.13
CA GLU B 311 -6.85 -2.68 -27.29
C GLU B 311 -6.45 -2.68 -25.81
N PHE B 312 -5.19 -2.99 -25.51
CA PHE B 312 -4.73 -2.83 -24.13
C PHE B 312 -4.53 -1.35 -23.74
N LEU B 313 -4.02 -0.53 -24.66
CA LEU B 313 -3.84 0.89 -24.30
C LEU B 313 -5.15 1.61 -23.99
N ARG B 314 -6.26 1.25 -24.63
CA ARG B 314 -7.54 1.88 -24.30
C ARG B 314 -7.89 1.71 -22.83
N ILE B 315 -7.65 0.53 -22.28
CA ILE B 315 -7.82 0.30 -20.85
C ILE B 315 -6.84 1.15 -20.06
N SER B 316 -5.56 1.10 -20.43
CA SER B 316 -4.57 1.79 -19.62
C SER B 316 -4.86 3.29 -19.55
N THR B 317 -5.20 3.89 -20.70
CA THR B 317 -5.46 5.32 -20.84
C THR B 317 -6.82 5.74 -20.30
N ALA B 318 -7.74 4.81 -20.03
CA ALA B 318 -9.05 5.25 -19.54
C ALA B 318 -9.03 5.75 -18.11
N SER B 319 -8.15 5.20 -17.25
CA SER B 319 -8.19 5.48 -15.83
C SER B 319 -6.81 5.68 -15.18
N GLY B 320 -5.73 5.61 -15.94
CA GLY B 320 -4.41 5.93 -15.39
C GLY B 320 -4.17 7.41 -15.16
N ASP B 321 -4.57 7.90 -13.98
CA ASP B 321 -4.57 9.33 -13.67
C ASP B 321 -3.18 9.85 -13.31
N GLY B 322 -2.25 9.62 -14.23
CA GLY B 322 -0.87 10.05 -14.08
C GLY B 322 -0.02 9.27 -13.09
N ARG B 323 -0.66 8.57 -12.14
CA ARG B 323 0.09 7.84 -11.14
C ARG B 323 0.90 6.70 -11.74
N HIS B 324 0.36 6.03 -12.77
CA HIS B 324 1.01 4.87 -13.35
C HIS B 324 0.71 4.76 -14.84
N TYR B 325 1.62 4.07 -15.56
CA TYR B 325 1.56 3.95 -17.02
C TYR B 325 1.82 2.49 -17.39
N CYS B 326 1.56 2.14 -18.64
CA CYS B 326 1.97 0.83 -19.15
C CYS B 326 2.84 0.99 -20.40
N TYR B 327 3.65 -0.04 -20.66
CA TYR B 327 4.78 -0.01 -21.58
C TYR B 327 4.65 -1.18 -22.53
N PRO B 328 3.99 -1.02 -23.67
CA PRO B 328 3.74 -2.16 -24.54
C PRO B 328 4.98 -2.57 -25.31
N HIS B 329 5.28 -3.87 -25.34
CA HIS B 329 6.35 -4.40 -26.15
C HIS B 329 5.88 -5.62 -26.92
N PHE B 330 6.10 -5.60 -28.24
CA PHE B 330 5.91 -6.80 -29.06
C PHE B 330 7.13 -7.71 -28.87
N THR B 331 6.90 -8.97 -28.53
CA THR B 331 8.01 -9.86 -28.24
C THR B 331 7.72 -11.29 -28.73
N CYS B 332 8.79 -12.05 -28.88
CA CYS B 332 8.77 -13.48 -29.15
C CYS B 332 9.58 -14.15 -28.06
N SER B 333 9.21 -15.41 -27.76
CA SER B 333 9.80 -16.15 -26.64
C SER B 333 11.33 -16.23 -26.76
N VAL B 334 11.84 -16.36 -27.99
CA VAL B 334 13.28 -16.44 -28.27
C VAL B 334 14.03 -15.11 -28.10
N ASP B 335 13.31 -14.02 -27.81
CA ASP B 335 13.95 -12.72 -27.70
C ASP B 335 15.05 -12.70 -26.64
N THR B 336 16.25 -12.26 -27.06
CA THR B 336 17.40 -12.09 -26.18
C THR B 336 17.34 -10.80 -25.37
N GLU B 337 16.66 -9.77 -25.91
CA GLU B 337 16.70 -8.39 -25.46
C GLU B 337 15.67 -8.05 -24.37
N ASN B 338 14.93 -9.05 -23.82
CA ASN B 338 13.85 -8.76 -22.88
C ASN B 338 14.34 -8.24 -21.54
N ALA B 339 15.49 -8.69 -21.07
CA ALA B 339 16.08 -8.08 -19.86
C ALA B 339 16.44 -6.63 -20.11
N ARG B 340 16.91 -6.32 -21.33
CA ARG B 340 17.19 -4.93 -21.69
C ARG B 340 15.91 -4.11 -21.68
N ARG B 341 14.83 -4.66 -22.22
CA ARG B 341 13.52 -4.00 -22.18
C ARG B 341 13.08 -3.72 -20.74
N ILE B 342 13.13 -4.73 -19.87
CA ILE B 342 12.76 -4.55 -18.46
C ILE B 342 13.64 -3.50 -17.78
N PHE B 343 14.94 -3.52 -18.07
CA PHE B 343 15.84 -2.50 -17.52
C PHE B 343 15.44 -1.09 -17.95
N ASN B 344 15.21 -0.89 -19.26
CA ASN B 344 14.78 0.42 -19.75
C ASN B 344 13.42 0.86 -19.23
N ASP B 345 12.47 -0.07 -19.10
CA ASP B 345 11.16 0.26 -18.55
C ASP B 345 11.21 0.61 -17.05
N CYS B 346 12.01 -0.08 -16.27
CA CYS B 346 12.18 0.30 -14.89
C CYS B 346 12.86 1.66 -14.75
N ARG B 347 13.93 1.90 -15.51
CA ARG B 347 14.53 3.22 -15.57
C ARG B 347 13.50 4.32 -15.84
N ASP B 348 12.68 4.14 -16.87
CA ASP B 348 11.69 5.16 -17.23
C ASP B 348 10.57 5.29 -16.20
N ILE B 349 10.20 4.20 -15.53
CA ILE B 349 9.20 4.27 -14.47
C ILE B 349 9.70 5.13 -13.33
N ILE B 350 10.94 4.90 -12.88
CA ILE B 350 11.48 5.69 -11.77
C ILE B 350 11.73 7.13 -12.18
N GLN B 351 12.16 7.35 -13.41
CA GLN B 351 12.28 8.73 -13.90
C GLN B 351 10.93 9.45 -13.94
N ARG B 352 9.91 8.82 -14.51
CA ARG B 352 8.58 9.44 -14.50
C ARG B 352 8.08 9.70 -13.09
N MET B 353 8.34 8.78 -12.18
CA MET B 353 7.96 8.97 -10.77
C MET B 353 8.63 10.17 -10.13
N HIS B 354 9.96 10.25 -10.23
CA HIS B 354 10.66 11.38 -9.60
C HIS B 354 10.44 12.70 -10.32
N LEU B 355 10.41 12.72 -11.65
CA LEU B 355 10.06 13.95 -12.35
C LEU B 355 8.65 14.43 -12.05
N ARG B 356 7.72 13.52 -11.73
CA ARG B 356 6.42 13.97 -11.26
C ARG B 356 6.51 14.46 -9.82
N GLN B 357 7.29 13.78 -8.98
CA GLN B 357 7.49 14.22 -7.62
C GLN B 357 8.17 15.59 -7.59
N TYR B 358 9.06 15.87 -8.54
CA TYR B 358 9.69 17.18 -8.62
C TYR B 358 8.87 18.18 -9.41
N GLU B 359 7.69 17.80 -9.91
CA GLU B 359 6.86 18.64 -10.74
C GLU B 359 7.56 19.15 -12.00
N LEU B 360 8.57 18.40 -12.46
CA LEU B 360 9.15 18.75 -13.76
C LEU B 360 8.36 18.12 -14.90
N LEU B 361 7.72 16.99 -14.64
CA LEU B 361 6.91 16.31 -15.61
C LEU B 361 5.62 17.08 -15.85
N GLN C 23 -28.28 -15.78 3.58
CA GLN C 23 -27.03 -16.01 2.88
C GLN C 23 -27.06 -15.32 1.52
N VAL C 24 -25.89 -14.88 1.05
CA VAL C 24 -25.76 -14.31 -0.30
C VAL C 24 -26.12 -15.38 -1.32
N GLN C 25 -27.11 -15.09 -2.14
CA GLN C 25 -27.61 -16.02 -3.15
C GLN C 25 -28.10 -15.26 -4.37
N LEU C 26 -28.05 -15.93 -5.53
CA LEU C 26 -28.34 -15.34 -6.85
C LEU C 26 -29.15 -16.35 -7.65
N GLN C 27 -30.45 -16.11 -7.75
CA GLN C 27 -31.37 -17.05 -8.42
C GLN C 27 -31.58 -16.65 -9.89
N GLU C 28 -30.64 -17.11 -10.71
CA GLU C 28 -30.79 -17.05 -12.17
C GLU C 28 -31.97 -17.95 -12.59
N SER C 29 -32.84 -17.43 -13.47
CA SER C 29 -34.20 -17.96 -13.59
C SER C 29 -34.77 -18.05 -15.01
N GLY C 30 -34.11 -17.57 -16.07
CA GLY C 30 -34.83 -17.34 -17.33
C GLY C 30 -34.51 -18.19 -18.55
N GLY C 31 -33.52 -19.05 -18.42
CA GLY C 31 -33.00 -19.77 -19.58
C GLY C 31 -33.95 -20.83 -20.16
N GLY C 32 -33.63 -21.23 -21.38
CA GLY C 32 -34.42 -22.26 -22.06
C GLY C 32 -33.92 -22.53 -23.47
N LEU C 33 -34.77 -23.17 -24.29
CA LEU C 33 -34.42 -23.53 -25.65
C LEU C 33 -35.08 -22.59 -26.65
N VAL C 34 -34.30 -22.18 -27.67
CA VAL C 34 -34.80 -21.42 -28.80
C VAL C 34 -34.21 -21.94 -30.11
N GLN C 35 -34.91 -21.65 -31.20
CA GLN C 35 -34.33 -21.72 -32.54
C GLN C 35 -33.40 -20.56 -32.80
N PRO C 36 -32.44 -20.72 -33.70
CA PRO C 36 -31.59 -19.59 -34.09
C PRO C 36 -32.40 -18.38 -34.50
N GLY C 37 -31.85 -17.21 -34.19
CA GLY C 37 -32.54 -15.95 -34.36
C GLY C 37 -33.55 -15.65 -33.29
N GLY C 38 -33.79 -16.57 -32.38
CA GLY C 38 -34.72 -16.39 -31.29
C GLY C 38 -34.22 -15.35 -30.27
N SER C 39 -35.04 -15.17 -29.25
CA SER C 39 -34.75 -14.22 -28.20
C SER C 39 -35.14 -14.81 -26.85
N LEU C 40 -34.35 -14.46 -25.83
CA LEU C 40 -34.61 -14.84 -24.46
C LEU C 40 -34.22 -13.69 -23.55
N ARG C 41 -34.79 -13.66 -22.34
CA ARG C 41 -34.50 -12.63 -21.35
C ARG C 41 -34.17 -13.30 -20.02
N LEU C 42 -32.87 -13.46 -19.74
CA LEU C 42 -32.42 -13.99 -18.47
C LEU C 42 -32.73 -13.02 -17.32
N SER C 43 -33.10 -13.58 -16.16
CA SER C 43 -33.34 -12.78 -14.96
C SER C 43 -32.65 -13.41 -13.75
N CYS C 44 -31.96 -12.58 -12.97
CA CYS C 44 -31.37 -12.97 -11.70
C CYS C 44 -32.03 -12.20 -10.56
N ALA C 45 -32.58 -12.92 -9.59
CA ALA C 45 -33.04 -12.31 -8.35
C ALA C 45 -31.92 -12.46 -7.30
N ALA C 46 -31.50 -11.34 -6.74
CA ALA C 46 -30.41 -11.26 -5.80
C ALA C 46 -30.94 -11.06 -4.38
N SER C 47 -30.33 -11.77 -3.43
CA SER C 47 -30.80 -11.77 -2.05
C SER C 47 -29.62 -11.86 -1.10
N GLY C 48 -29.77 -11.22 0.07
CA GLY C 48 -28.80 -11.28 1.13
C GLY C 48 -27.69 -10.25 1.07
N PHE C 49 -27.77 -9.27 0.16
CA PHE C 49 -26.78 -8.21 0.14
C PHE C 49 -27.38 -6.92 -0.39
N THR C 50 -26.72 -5.80 -0.05
CA THR C 50 -27.15 -4.46 -0.44
C THR C 50 -26.87 -4.22 -1.93
N PHE C 51 -27.80 -4.73 -2.75
CA PHE C 51 -27.63 -4.88 -4.19
C PHE C 51 -27.11 -3.62 -4.86
N SER C 52 -27.62 -2.44 -4.48
CA SER C 52 -27.18 -1.18 -5.09
C SER C 52 -25.70 -0.89 -4.93
N ASN C 53 -25.01 -1.52 -3.97
CA ASN C 53 -23.58 -1.23 -3.79
C ASN C 53 -22.65 -2.02 -4.72
N TYR C 54 -23.13 -3.02 -5.41
CA TYR C 54 -22.24 -3.97 -6.09
C TYR C 54 -22.33 -3.87 -7.59
N LYS C 55 -21.16 -3.88 -8.22
CA LYS C 55 -21.05 -4.09 -9.65
C LYS C 55 -21.34 -5.55 -9.99
N MET C 56 -21.98 -5.78 -11.12
CA MET C 56 -22.52 -7.11 -11.43
C MET C 56 -22.18 -7.48 -12.87
N ASN C 57 -22.15 -8.79 -13.11
CA ASN C 57 -21.70 -9.39 -14.36
C ASN C 57 -22.63 -10.55 -14.71
N TRP C 58 -22.67 -10.89 -16.00
CA TRP C 58 -23.08 -12.19 -16.48
C TRP C 58 -21.90 -13.00 -17.05
N VAL C 59 -21.84 -14.27 -16.70
CA VAL C 59 -20.80 -15.18 -17.17
C VAL C 59 -21.50 -16.40 -17.80
N ARG C 60 -20.84 -16.99 -18.81
CA ARG C 60 -21.37 -18.19 -19.42
C ARG C 60 -20.27 -19.22 -19.61
N GLN C 61 -20.71 -20.46 -19.82
CA GLN C 61 -19.82 -21.60 -20.07
C GLN C 61 -20.42 -22.49 -21.14
N ALA C 62 -19.88 -22.43 -22.36
CA ALA C 62 -20.27 -23.37 -23.40
C ALA C 62 -19.77 -24.76 -23.04
N PRO C 63 -20.51 -25.81 -23.37
CA PRO C 63 -20.08 -27.17 -23.05
C PRO C 63 -18.66 -27.47 -23.51
N GLY C 64 -17.85 -27.99 -22.59
CA GLY C 64 -16.49 -28.35 -22.84
C GLY C 64 -15.50 -27.20 -22.79
N LYS C 65 -15.97 -25.95 -22.80
CA LYS C 65 -15.12 -24.79 -22.59
C LYS C 65 -15.12 -24.41 -21.11
N GLY C 66 -14.10 -23.66 -20.71
CA GLY C 66 -14.14 -22.94 -19.46
C GLY C 66 -15.14 -21.80 -19.47
N LEU C 67 -15.19 -21.11 -18.33
CA LEU C 67 -16.04 -19.94 -18.16
C LEU C 67 -15.53 -18.74 -18.96
N GLU C 68 -16.47 -17.91 -19.44
CA GLU C 68 -16.13 -16.70 -20.17
C GLU C 68 -17.08 -15.57 -19.78
N TRP C 69 -16.52 -14.36 -19.72
CA TRP C 69 -17.26 -13.15 -19.37
C TRP C 69 -18.08 -12.61 -20.53
N VAL C 70 -19.32 -12.26 -20.26
CA VAL C 70 -20.25 -11.78 -21.28
C VAL C 70 -20.49 -10.28 -21.19
N SER C 71 -20.82 -9.75 -20.01
CA SER C 71 -21.18 -8.35 -19.92
C SER C 71 -21.10 -7.88 -18.47
N ASP C 72 -21.20 -6.56 -18.28
CA ASP C 72 -20.94 -5.91 -17.00
C ASP C 72 -21.87 -4.70 -16.85
N ILE C 73 -22.29 -4.44 -15.62
CA ILE C 73 -23.05 -3.22 -15.28
C ILE C 73 -22.60 -2.69 -13.91
N SER C 74 -22.32 -1.39 -13.87
CA SER C 74 -22.01 -0.66 -12.64
C SER C 74 -23.27 -0.43 -11.78
N GLN C 75 -23.01 0.12 -10.58
CA GLN C 75 -24.03 0.25 -9.53
C GLN C 75 -25.32 0.86 -10.01
N SER C 76 -25.25 1.84 -10.90
CA SER C 76 -26.44 2.59 -11.32
C SER C 76 -26.63 2.59 -12.84
N GLY C 77 -25.95 1.70 -13.55
CA GLY C 77 -25.96 1.72 -14.99
C GLY C 77 -25.02 2.75 -15.61
N ALA C 78 -24.28 3.49 -14.80
CA ALA C 78 -23.38 4.51 -15.32
C ALA C 78 -22.30 3.93 -16.20
N SER C 79 -22.15 2.61 -16.26
CA SER C 79 -21.36 1.97 -17.30
C SER C 79 -21.89 0.58 -17.62
N ILE C 80 -21.79 0.23 -18.91
CA ILE C 80 -22.12 -1.10 -19.41
C ILE C 80 -21.02 -1.52 -20.39
N SER C 81 -20.67 -2.81 -20.37
CA SER C 81 -19.62 -3.32 -21.24
C SER C 81 -20.00 -4.73 -21.67
N TYR C 82 -19.44 -5.13 -22.82
CA TYR C 82 -19.82 -6.39 -23.43
C TYR C 82 -18.61 -7.00 -24.10
N THR C 83 -18.61 -8.32 -24.18
CA THR C 83 -17.72 -9.05 -25.05
C THR C 83 -18.05 -8.75 -26.52
N GLY C 84 -17.00 -8.70 -27.35
CA GLY C 84 -17.18 -8.32 -28.74
C GLY C 84 -18.09 -9.26 -29.50
N SER C 85 -18.17 -10.51 -29.08
CA SER C 85 -19.08 -11.44 -29.74
C SER C 85 -20.55 -11.14 -29.48
N VAL C 86 -20.86 -10.13 -28.69
CA VAL C 86 -22.21 -9.92 -28.19
C VAL C 86 -22.71 -8.52 -28.41
N LYS C 87 -21.83 -7.58 -28.74
CA LYS C 87 -22.02 -6.17 -28.45
C LYS C 87 -23.41 -5.68 -28.86
N GLY C 88 -23.88 -6.05 -30.04
CA GLY C 88 -25.23 -5.61 -30.40
C GLY C 88 -26.33 -6.60 -30.07
N ARG C 89 -25.98 -7.83 -29.74
CA ARG C 89 -26.94 -8.91 -29.66
C ARG C 89 -27.56 -9.06 -28.30
N PHE C 90 -26.83 -8.74 -27.22
CA PHE C 90 -27.41 -8.81 -25.88
C PHE C 90 -27.33 -7.45 -25.21
N THR C 91 -28.25 -7.19 -24.30
CA THR C 91 -28.17 -5.98 -23.49
C THR C 91 -28.52 -6.30 -22.05
N ILE C 92 -27.70 -5.82 -21.13
CA ILE C 92 -27.97 -5.88 -19.68
C ILE C 92 -28.91 -4.77 -19.27
N SER C 93 -29.76 -5.08 -18.31
CA SER C 93 -30.48 -4.08 -17.54
C SER C 93 -30.48 -4.46 -16.05
N ARG C 94 -30.82 -3.49 -15.21
CA ARG C 94 -30.70 -3.61 -13.77
C ARG C 94 -31.83 -2.78 -13.14
N ASP C 95 -32.36 -3.29 -12.03
CA ASP C 95 -33.37 -2.58 -11.23
C ASP C 95 -33.01 -2.68 -9.74
N ASN C 96 -32.34 -1.65 -9.20
CA ASN C 96 -31.99 -1.60 -7.78
C ASN C 96 -33.20 -1.60 -6.85
N ALA C 97 -34.39 -1.27 -7.37
CA ALA C 97 -35.55 -1.20 -6.49
C ALA C 97 -36.14 -2.57 -6.16
N LYS C 98 -35.84 -3.60 -6.95
CA LYS C 98 -36.32 -4.93 -6.64
C LYS C 98 -35.24 -6.00 -6.82
N ASN C 99 -33.97 -5.59 -6.82
CA ASN C 99 -32.81 -6.49 -6.79
C ASN C 99 -32.86 -7.54 -7.91
N THR C 100 -33.13 -7.10 -9.13
CA THR C 100 -33.10 -8.00 -10.27
C THR C 100 -32.06 -7.52 -11.27
N LEU C 101 -31.39 -8.49 -11.90
CA LEU C 101 -30.42 -8.24 -12.97
C LEU C 101 -30.89 -8.97 -14.21
N TYR C 102 -30.80 -8.31 -15.36
CA TYR C 102 -31.36 -8.85 -16.60
C TYR C 102 -30.30 -8.95 -17.69
N LEU C 103 -30.55 -9.87 -18.63
CA LEU C 103 -29.83 -9.92 -19.89
C LEU C 103 -30.83 -10.20 -21.01
N GLN C 104 -31.24 -9.15 -21.71
CA GLN C 104 -32.11 -9.28 -22.87
C GLN C 104 -31.28 -9.73 -24.07
N MET C 105 -31.54 -10.93 -24.58
CA MET C 105 -30.80 -11.48 -25.73
C MET C 105 -31.72 -11.50 -26.95
N ASN C 106 -31.31 -10.78 -28.01
CA ASN C 106 -32.18 -10.44 -29.11
C ASN C 106 -31.90 -11.18 -30.42
N SER C 107 -30.74 -11.82 -30.59
CA SER C 107 -30.43 -12.34 -31.91
C SER C 107 -29.59 -13.61 -31.75
N LEU C 108 -30.15 -14.57 -31.01
CA LEU C 108 -29.37 -15.73 -30.57
C LEU C 108 -28.86 -16.57 -31.73
N LYS C 109 -27.72 -17.18 -31.49
CA LYS C 109 -27.01 -18.00 -32.45
C LYS C 109 -26.57 -19.30 -31.77
N PRO C 110 -26.31 -20.35 -32.55
CA PRO C 110 -25.94 -21.66 -31.95
C PRO C 110 -24.79 -21.60 -30.97
N GLU C 111 -23.78 -20.78 -31.26
CA GLU C 111 -22.60 -20.65 -30.38
C GLU C 111 -22.93 -20.07 -29.01
N ASP C 112 -24.11 -19.46 -28.85
CA ASP C 112 -24.59 -19.03 -27.56
C ASP C 112 -25.09 -20.15 -26.68
N THR C 113 -25.12 -21.39 -27.18
CA THR C 113 -25.51 -22.51 -26.31
C THR C 113 -24.55 -22.70 -25.15
N ALA C 114 -24.99 -22.31 -23.96
CA ALA C 114 -24.13 -22.29 -22.79
C ALA C 114 -24.98 -22.24 -21.54
N VAL C 115 -24.36 -22.57 -20.42
CA VAL C 115 -24.88 -22.25 -19.09
C VAL C 115 -24.48 -20.82 -18.74
N TYR C 116 -25.44 -20.01 -18.35
CA TYR C 116 -25.23 -18.61 -18.01
C TYR C 116 -25.33 -18.39 -16.50
N TYR C 117 -24.34 -17.68 -15.93
CA TYR C 117 -24.25 -17.48 -14.49
C TYR C 117 -24.24 -15.99 -14.20
N CYS C 118 -25.13 -15.58 -13.32
CA CYS C 118 -25.05 -14.24 -12.73
C CYS C 118 -23.97 -14.22 -11.69
N ALA C 119 -23.10 -13.23 -11.77
CA ALA C 119 -21.98 -13.14 -10.87
C ALA C 119 -21.83 -11.73 -10.31
N ARG C 120 -21.52 -11.67 -9.02
CA ARG C 120 -21.33 -10.40 -8.32
C ARG C 120 -19.84 -10.15 -8.08
N CYS C 121 -19.43 -8.88 -8.16
CA CYS C 121 -18.08 -8.53 -7.76
C CYS C 121 -17.87 -8.77 -6.27
N PRO C 122 -16.64 -9.05 -5.85
CA PRO C 122 -16.41 -9.44 -4.43
C PRO C 122 -16.78 -8.34 -3.43
N ALA C 123 -16.32 -7.13 -3.66
CA ALA C 123 -16.47 -6.07 -2.68
C ALA C 123 -17.33 -4.93 -3.20
N PRO C 124 -18.10 -4.26 -2.34
CA PRO C 124 -18.87 -3.09 -2.80
C PRO C 124 -17.96 -1.92 -3.14
N PHE C 125 -18.58 -0.90 -3.74
CA PHE C 125 -17.96 0.42 -3.92
C PHE C 125 -16.61 0.36 -4.63
N THR C 126 -16.37 -0.67 -5.44
CA THR C 126 -15.06 -0.90 -6.06
C THR C 126 -15.29 -1.50 -7.43
N ARG C 127 -14.35 -1.24 -8.34
CA ARG C 127 -14.55 -1.49 -9.76
C ARG C 127 -13.64 -2.54 -10.40
N ASP C 128 -12.70 -3.10 -9.66
CA ASP C 128 -11.94 -4.25 -10.11
C ASP C 128 -12.77 -5.52 -9.90
N CYS C 129 -13.30 -6.06 -11.01
CA CYS C 129 -14.15 -7.25 -11.04
C CYS C 129 -13.36 -8.56 -10.96
N PHE C 130 -12.44 -8.71 -10.01
CA PHE C 130 -11.64 -9.92 -9.88
C PHE C 130 -12.48 -11.20 -9.74
N ASP C 131 -11.88 -12.33 -10.18
CA ASP C 131 -12.33 -13.68 -9.85
C ASP C 131 -13.69 -14.16 -10.36
N VAL C 132 -14.45 -13.30 -11.04
CA VAL C 132 -15.82 -13.65 -11.40
C VAL C 132 -15.91 -14.84 -12.36
N THR C 133 -14.85 -15.10 -13.13
CA THR C 133 -14.78 -16.26 -14.01
C THR C 133 -14.11 -17.48 -13.38
N SER C 134 -13.73 -17.43 -12.11
CA SER C 134 -12.95 -18.51 -11.49
C SER C 134 -13.77 -19.80 -11.41
N THR C 135 -13.02 -20.92 -11.43
CA THR C 135 -13.63 -22.26 -11.50
C THR C 135 -14.56 -22.51 -10.32
N THR C 136 -14.10 -22.19 -9.11
CA THR C 136 -14.99 -22.02 -7.96
C THR C 136 -15.00 -20.57 -7.53
N TYR C 137 -16.21 -20.02 -7.36
CA TYR C 137 -16.32 -18.67 -6.89
C TYR C 137 -17.59 -18.55 -6.05
N ALA C 138 -17.53 -17.82 -4.94
CA ALA C 138 -18.63 -17.83 -3.98
C ALA C 138 -19.85 -17.08 -4.50
N TYR C 139 -19.65 -15.86 -4.96
CA TYR C 139 -20.76 -14.94 -5.23
C TYR C 139 -21.28 -15.05 -6.66
N ARG C 140 -21.58 -16.29 -7.06
CA ARG C 140 -22.09 -16.56 -8.39
C ARG C 140 -23.18 -17.61 -8.29
N GLY C 141 -24.23 -17.43 -9.07
CA GLY C 141 -25.38 -18.31 -8.98
C GLY C 141 -25.17 -19.71 -9.53
N GLN C 142 -26.22 -20.53 -9.37
CA GLN C 142 -26.23 -21.85 -9.99
C GLN C 142 -26.37 -21.77 -11.50
N GLY C 143 -26.96 -20.71 -12.04
CA GLY C 143 -27.04 -20.54 -13.47
C GLY C 143 -28.14 -21.36 -14.15
N THR C 144 -28.43 -20.96 -15.39
CA THR C 144 -29.45 -21.58 -16.24
C THR C 144 -28.87 -21.82 -17.62
N GLN C 145 -29.13 -23.01 -18.17
CA GLN C 145 -28.68 -23.35 -19.52
C GLN C 145 -29.56 -22.68 -20.57
N VAL C 146 -28.94 -22.07 -21.58
CA VAL C 146 -29.61 -21.65 -22.81
C VAL C 146 -29.20 -22.59 -23.93
N THR C 147 -30.18 -23.11 -24.66
CA THR C 147 -29.91 -23.89 -25.87
C THR C 147 -30.46 -23.20 -27.10
N VAL C 148 -29.60 -23.02 -28.09
CA VAL C 148 -29.99 -22.55 -29.42
C VAL C 148 -29.88 -23.73 -30.39
N SER C 149 -31.01 -24.19 -30.91
CA SER C 149 -31.07 -25.52 -31.54
C SER C 149 -30.26 -25.53 -32.82
N GLU D 8 -29.96 -38.30 -8.41
CA GLU D 8 -29.67 -37.10 -9.20
C GLU D 8 -29.41 -35.88 -8.31
N LEU D 9 -28.59 -34.98 -8.87
CA LEU D 9 -28.08 -33.85 -8.12
C LEU D 9 -29.21 -32.93 -7.66
N ASP D 10 -30.25 -32.78 -8.49
CA ASP D 10 -31.38 -31.91 -8.14
C ASP D 10 -32.08 -32.30 -6.84
N GLN D 11 -32.22 -33.60 -6.57
CA GLN D 11 -32.82 -34.06 -5.33
C GLN D 11 -31.99 -33.69 -4.11
N LEU D 12 -30.66 -33.80 -4.23
CA LEU D 12 -29.78 -33.34 -3.17
C LEU D 12 -29.84 -31.84 -3.00
N ARG D 13 -29.88 -31.11 -4.12
CA ARG D 13 -29.88 -29.65 -4.07
C ARG D 13 -31.15 -29.14 -3.41
N GLN D 14 -32.31 -29.70 -3.77
CA GLN D 14 -33.53 -29.32 -3.07
C GLN D 14 -33.57 -29.80 -1.62
N GLU D 15 -32.98 -30.96 -1.28
CA GLU D 15 -32.96 -31.38 0.11
C GLU D 15 -32.09 -30.44 0.95
N ALA D 16 -30.93 -30.05 0.42
CA ALA D 16 -30.11 -29.01 1.03
C ALA D 16 -30.88 -27.69 1.16
N GLU D 17 -31.67 -27.34 0.15
CA GLU D 17 -32.47 -26.12 0.23
C GLU D 17 -33.45 -26.17 1.39
N GLN D 18 -34.18 -27.28 1.52
CA GLN D 18 -35.10 -27.39 2.63
C GLN D 18 -34.40 -27.49 3.98
N LEU D 19 -33.23 -28.12 4.07
CA LEU D 19 -32.48 -28.08 5.32
C LEU D 19 -32.01 -26.67 5.67
N LYS D 20 -31.60 -25.88 4.68
CA LYS D 20 -31.23 -24.50 4.95
C LYS D 20 -32.42 -23.68 5.43
N ASN D 21 -33.59 -23.88 4.83
CA ASN D 21 -34.82 -23.25 5.34
C ASN D 21 -35.15 -23.70 6.77
N GLN D 22 -34.96 -24.97 7.07
CA GLN D 22 -35.17 -25.44 8.44
C GLN D 22 -34.21 -24.77 9.43
N ILE D 23 -32.94 -24.63 9.05
CA ILE D 23 -31.96 -23.96 9.90
C ILE D 23 -32.31 -22.48 10.09
N ARG D 24 -32.72 -21.80 9.02
CA ARG D 24 -33.17 -20.42 9.15
C ARG D 24 -34.41 -20.30 10.03
N ASP D 25 -35.36 -21.21 9.89
CA ASP D 25 -36.52 -21.23 10.78
C ASP D 25 -36.12 -21.45 12.25
N ALA D 26 -35.22 -22.38 12.49
CA ALA D 26 -34.76 -22.60 13.86
C ALA D 26 -34.07 -21.38 14.45
N ARG D 27 -33.24 -20.72 13.66
CA ARG D 27 -32.62 -19.48 14.12
C ARG D 27 -33.62 -18.38 14.39
N LYS D 28 -34.60 -18.21 13.50
CA LYS D 28 -35.69 -17.25 13.73
C LYS D 28 -36.53 -17.57 14.98
N ALA D 29 -36.76 -18.85 15.24
CA ALA D 29 -37.54 -19.21 16.41
C ALA D 29 -36.88 -18.83 17.74
N CYS D 30 -35.55 -18.85 17.84
CA CYS D 30 -34.89 -18.45 19.07
C CYS D 30 -34.50 -16.97 19.10
N ALA D 31 -34.74 -16.24 18.03
CA ALA D 31 -34.34 -14.84 17.94
C ALA D 31 -35.28 -13.89 18.67
N ASP D 32 -35.60 -14.19 19.93
CA ASP D 32 -36.72 -13.53 20.59
C ASP D 32 -36.47 -12.03 20.76
N ALA D 33 -35.27 -11.66 21.25
CA ALA D 33 -34.97 -10.25 21.38
C ALA D 33 -33.53 -9.91 21.00
N THR D 34 -33.37 -8.79 20.29
CA THR D 34 -32.06 -8.37 19.83
C THR D 34 -31.25 -7.76 20.96
N LEU D 35 -29.92 -7.89 20.83
CA LEU D 35 -28.99 -7.38 21.84
C LEU D 35 -29.20 -5.88 22.13
N SER D 36 -29.49 -5.08 21.11
CA SER D 36 -29.68 -3.64 21.31
C SER D 36 -30.91 -3.28 22.13
N GLN D 37 -31.88 -4.18 22.22
CA GLN D 37 -32.96 -3.98 23.18
C GLN D 37 -32.49 -4.25 24.61
N ILE D 38 -31.83 -5.38 24.83
CA ILE D 38 -31.42 -5.80 26.16
C ILE D 38 -30.41 -4.83 26.77
N THR D 39 -29.53 -4.23 25.95
CA THR D 39 -28.47 -3.36 26.43
C THR D 39 -28.84 -1.88 26.39
N ASN D 40 -30.05 -1.52 25.98
CA ASN D 40 -30.45 -0.11 25.94
C ASN D 40 -30.39 0.56 27.30
N ASN D 41 -30.55 -0.23 28.36
CA ASN D 41 -30.41 0.25 29.74
C ASN D 41 -28.97 0.34 30.23
N ILE D 42 -27.99 -0.21 29.49
CA ILE D 42 -26.60 -0.21 29.94
C ILE D 42 -25.96 1.16 29.73
N ASP D 43 -25.17 1.57 30.73
CA ASP D 43 -24.47 2.85 30.72
C ASP D 43 -23.42 2.89 29.62
N PRO D 44 -23.34 3.97 28.87
CA PRO D 44 -22.34 4.10 27.80
C PRO D 44 -20.90 3.97 28.25
N VAL D 45 -20.05 3.53 27.33
CA VAL D 45 -18.61 3.38 27.57
C VAL D 45 -17.90 4.71 27.76
N GLY D 46 -18.39 5.77 27.13
CA GLY D 46 -17.66 7.02 27.08
C GLY D 46 -16.64 7.05 25.96
N ARG D 47 -16.08 8.25 25.76
CA ARG D 47 -15.13 8.50 24.67
C ARG D 47 -13.76 7.93 25.02
N ILE D 48 -13.59 6.65 24.73
CA ILE D 48 -12.28 6.00 24.80
C ILE D 48 -11.30 6.68 23.86
N GLN D 49 -10.20 7.19 24.41
CA GLN D 49 -9.15 7.82 23.61
C GLN D 49 -7.80 7.38 24.13
N MET D 50 -6.91 6.99 23.21
CA MET D 50 -5.65 6.34 23.53
C MET D 50 -4.51 7.09 22.86
N ARG D 51 -3.39 7.19 23.59
CA ARG D 51 -2.18 7.83 23.04
C ARG D 51 -1.28 6.75 22.43
N THR D 52 -0.63 7.12 21.32
CA THR D 52 0.51 6.36 20.84
C THR D 52 1.61 6.49 21.90
N ARG D 53 1.80 5.46 22.70
CA ARG D 53 2.86 5.51 23.71
C ARG D 53 4.23 5.32 23.07
N ARG D 54 4.37 4.29 22.22
CA ARG D 54 5.64 3.92 21.62
C ARG D 54 5.41 3.54 20.15
N THR D 55 6.34 3.96 19.28
CA THR D 55 6.35 3.58 17.88
C THR D 55 7.57 2.72 17.57
N LEU D 56 7.35 1.44 17.29
CA LEU D 56 8.44 0.52 16.96
C LEU D 56 8.72 0.61 15.45
N ARG D 57 9.90 1.07 15.11
CA ARG D 57 10.22 1.46 13.75
C ARG D 57 11.52 0.82 13.31
N GLY D 58 11.56 0.41 12.06
CA GLY D 58 12.73 -0.23 11.49
C GLY D 58 12.45 -1.47 10.69
N HIS D 59 11.18 -1.78 10.40
CA HIS D 59 10.86 -2.55 9.20
C HIS D 59 11.03 -1.73 7.94
N LEU D 60 11.41 -2.41 6.87
CA LEU D 60 11.65 -1.72 5.61
C LEU D 60 10.40 -1.70 4.74
N ALA D 61 9.69 -2.82 4.67
CA ALA D 61 8.47 -2.92 3.89
C ALA D 61 7.25 -2.88 4.79
N LYS D 62 6.09 -3.09 4.18
CA LYS D 62 4.82 -3.07 4.90
C LYS D 62 4.75 -4.23 5.87
N ILE D 63 4.39 -3.92 7.13
CA ILE D 63 4.04 -4.95 8.11
C ILE D 63 2.70 -5.57 7.76
N TYR D 64 2.67 -6.91 7.74
CA TYR D 64 1.52 -7.67 7.29
C TYR D 64 0.87 -8.48 8.39
N ALA D 65 1.64 -8.94 9.38
CA ALA D 65 1.11 -9.65 10.54
C ALA D 65 1.93 -9.27 11.78
N MET D 66 1.29 -9.42 12.96
CA MET D 66 1.96 -9.34 14.25
C MET D 66 1.22 -10.19 15.28
N HIS D 67 1.91 -10.55 16.35
CA HIS D 67 1.30 -11.32 17.42
C HIS D 67 2.01 -11.03 18.74
N TRP D 68 1.23 -10.76 19.80
CA TRP D 68 1.78 -10.66 21.14
C TRP D 68 2.08 -12.03 21.74
N GLY D 69 3.16 -12.07 22.53
CA GLY D 69 3.41 -13.22 23.36
C GLY D 69 2.45 -13.30 24.54
N THR D 70 2.47 -14.46 25.22
CA THR D 70 1.67 -14.65 26.45
C THR D 70 2.20 -13.87 27.65
N ASP D 71 3.38 -13.25 27.53
CA ASP D 71 3.97 -12.46 28.61
C ASP D 71 3.52 -11.01 28.62
N SER D 72 2.64 -10.62 27.71
CA SER D 72 2.20 -9.25 27.50
C SER D 72 3.32 -8.29 27.15
N ARG D 73 4.51 -8.78 26.82
CA ARG D 73 5.63 -7.86 26.71
C ARG D 73 6.32 -7.95 25.35
N LEU D 74 6.49 -9.15 24.81
CA LEU D 74 7.22 -9.33 23.54
C LEU D 74 6.28 -9.41 22.34
N LEU D 75 6.69 -8.76 21.27
CA LEU D 75 5.99 -8.72 20.00
C LEU D 75 6.78 -9.48 18.96
N VAL D 76 6.10 -10.30 18.16
CA VAL D 76 6.60 -10.67 16.82
C VAL D 76 5.95 -9.78 15.78
N SER D 77 6.70 -9.37 14.76
CA SER D 77 6.17 -8.57 13.67
C SER D 77 6.75 -9.04 12.35
N ALA D 78 5.91 -9.18 11.33
CA ALA D 78 6.33 -9.75 10.05
C ALA D 78 6.14 -8.73 8.94
N SER D 79 7.18 -8.56 8.11
CA SER D 79 7.16 -7.57 7.05
C SER D 79 7.61 -8.22 5.75
N GLN D 80 7.03 -7.77 4.65
CA GLN D 80 7.30 -8.41 3.36
C GLN D 80 8.66 -8.04 2.79
N ASP D 81 9.52 -7.42 3.59
CA ASP D 81 10.93 -7.35 3.26
C ASP D 81 11.63 -8.65 3.64
N GLY D 82 10.91 -9.55 4.31
CA GLY D 82 11.43 -10.86 4.67
C GLY D 82 12.10 -10.95 6.01
N LYS D 83 11.66 -10.15 6.98
CA LYS D 83 12.23 -10.20 8.31
C LYS D 83 11.11 -10.38 9.34
N LEU D 84 11.36 -11.24 10.31
CA LEU D 84 10.65 -11.19 11.58
C LEU D 84 11.49 -10.42 12.59
N ILE D 85 10.91 -9.40 13.19
CA ILE D 85 11.53 -8.72 14.33
C ILE D 85 10.72 -9.03 15.58
N ILE D 86 11.42 -9.42 16.64
CA ILE D 86 10.85 -9.60 17.97
C ILE D 86 11.23 -8.40 18.86
N TRP D 87 10.22 -7.71 19.41
CA TRP D 87 10.39 -6.44 20.08
C TRP D 87 10.06 -6.60 21.57
N ASP D 88 10.85 -5.94 22.42
CA ASP D 88 10.46 -5.67 23.79
C ASP D 88 9.62 -4.38 23.78
N SER D 89 8.31 -4.51 23.93
CA SER D 89 7.46 -3.33 23.90
C SER D 89 7.69 -2.42 25.10
N TYR D 90 8.36 -2.89 26.16
CA TYR D 90 8.65 -1.99 27.29
C TYR D 90 9.85 -1.10 27.04
N THR D 91 10.65 -1.39 26.02
CA THR D 91 11.95 -0.72 25.84
C THR D 91 12.28 -0.38 24.40
N THR D 92 11.51 -0.87 23.41
CA THR D 92 11.79 -0.79 21.98
C THR D 92 12.99 -1.64 21.56
N ASN D 93 13.53 -2.46 22.45
CA ASN D 93 14.69 -3.25 22.07
C ASN D 93 14.30 -4.40 21.12
N LYS D 94 15.13 -4.59 20.08
CA LYS D 94 14.96 -5.68 19.13
C LYS D 94 15.67 -6.93 19.62
N VAL D 95 14.94 -7.77 20.36
CA VAL D 95 15.52 -8.96 20.98
C VAL D 95 15.88 -10.03 19.96
N HIS D 96 15.23 -10.07 18.79
CA HIS D 96 15.68 -10.90 17.67
C HIS D 96 15.28 -10.22 16.37
N ALA D 97 15.98 -10.61 15.29
CA ALA D 97 15.54 -10.31 13.93
C ALA D 97 15.93 -11.47 13.03
N ILE D 98 14.94 -12.09 12.38
CA ILE D 98 15.09 -13.39 11.73
C ILE D 98 14.96 -13.18 10.22
N PRO D 99 15.99 -13.46 9.43
CA PRO D 99 15.89 -13.36 7.96
C PRO D 99 15.10 -14.54 7.38
N LEU D 100 13.95 -14.23 6.77
CA LEU D 100 13.08 -15.28 6.27
C LEU D 100 13.55 -15.89 4.94
N ARG D 101 13.17 -17.15 4.73
CA ARG D 101 13.49 -17.86 3.50
C ARG D 101 12.84 -17.20 2.28
N SER D 102 11.61 -16.69 2.45
CA SER D 102 10.92 -15.95 1.38
C SER D 102 10.29 -14.68 1.93
N SER D 103 10.41 -13.59 1.17
CA SER D 103 9.97 -12.28 1.66
C SER D 103 8.45 -12.18 1.82
N TRP D 104 7.67 -12.96 1.09
CA TRP D 104 6.23 -12.70 0.97
C TRP D 104 5.43 -13.34 2.11
N VAL D 105 5.91 -13.07 3.32
CA VAL D 105 5.22 -13.47 4.54
C VAL D 105 3.89 -12.76 4.66
N MET D 106 2.87 -13.52 5.07
CA MET D 106 1.52 -13.02 5.21
C MET D 106 0.91 -13.35 6.57
N THR D 107 1.48 -14.28 7.33
CA THR D 107 1.01 -14.60 8.68
C THR D 107 2.23 -14.86 9.55
N CYS D 108 2.15 -14.47 10.82
CA CYS D 108 3.04 -15.04 11.84
C CYS D 108 2.30 -15.30 13.14
N ALA D 109 2.93 -16.14 13.98
CA ALA D 109 2.32 -16.67 15.19
C ALA D 109 3.42 -16.88 16.22
N TYR D 110 3.05 -16.82 17.51
CA TYR D 110 4.07 -16.78 18.55
C TYR D 110 3.57 -17.62 19.70
N ALA D 111 4.30 -18.68 19.99
CA ALA D 111 3.77 -19.83 20.73
C ALA D 111 3.46 -19.47 22.18
N PRO D 112 2.46 -20.12 22.78
CA PRO D 112 2.16 -19.86 24.20
C PRO D 112 3.28 -20.33 25.11
N SER D 113 4.10 -21.30 24.69
CA SER D 113 5.33 -21.64 25.42
C SER D 113 6.36 -20.51 25.32
N GLY D 114 6.15 -19.55 24.42
CA GLY D 114 7.08 -18.44 24.27
C GLY D 114 8.36 -18.79 23.55
N ASN D 115 8.66 -20.08 23.40
CA ASN D 115 9.98 -20.53 22.95
C ASN D 115 10.09 -20.62 21.43
N TYR D 116 8.99 -20.80 20.71
CA TYR D 116 8.98 -20.95 19.27
C TYR D 116 8.17 -19.85 18.60
N VAL D 117 8.60 -19.47 17.42
CA VAL D 117 7.87 -18.52 16.59
C VAL D 117 7.70 -19.14 15.21
N ALA D 118 6.54 -18.89 14.61
CA ALA D 118 6.22 -19.43 13.30
C ALA D 118 5.77 -18.29 12.37
N CYS D 119 6.00 -18.50 11.08
CA CYS D 119 5.44 -17.60 10.06
C CYS D 119 5.27 -18.40 8.78
N GLY D 120 4.48 -17.81 7.87
CA GLY D 120 4.28 -18.36 6.55
C GLY D 120 3.61 -17.35 5.65
N GLY D 121 3.46 -17.73 4.39
CA GLY D 121 2.71 -16.91 3.45
C GLY D 121 2.61 -17.48 2.04
N LEU D 122 2.98 -16.66 1.04
CA LEU D 122 2.77 -16.96 -0.37
C LEU D 122 3.68 -18.07 -0.88
N ASP D 123 4.67 -18.48 -0.08
CA ASP D 123 5.47 -19.69 -0.31
C ASP D 123 4.70 -20.96 -0.06
N ASN D 124 3.54 -20.86 0.60
CA ASN D 124 2.69 -21.99 0.95
C ASN D 124 3.33 -22.94 1.95
N ILE D 125 4.27 -22.45 2.76
CA ILE D 125 5.02 -23.25 3.71
C ILE D 125 5.00 -22.55 5.07
N CYS D 126 4.75 -23.31 6.13
CA CYS D 126 4.82 -22.80 7.49
C CYS D 126 6.19 -23.06 8.10
N SER D 127 6.92 -22.00 8.40
CA SER D 127 8.28 -22.09 8.94
C SER D 127 8.21 -21.76 10.43
N ILE D 128 8.66 -22.69 11.27
CA ILE D 128 8.70 -22.54 12.73
C ILE D 128 10.14 -22.40 13.19
N TYR D 129 10.41 -21.33 13.94
CA TYR D 129 11.76 -20.97 14.36
C TYR D 129 11.93 -21.21 15.84
N ASN D 130 13.03 -21.87 16.22
CA ASN D 130 13.39 -22.02 17.63
C ASN D 130 14.26 -20.83 18.05
N LEU D 131 13.78 -20.10 19.07
CA LEU D 131 14.44 -18.89 19.52
C LEU D 131 15.60 -19.11 20.50
N LYS D 132 15.79 -20.32 21.04
CA LYS D 132 16.66 -20.44 22.22
C LYS D 132 17.37 -21.80 22.18
N THR D 133 18.04 -22.07 21.07
CA THR D 133 18.89 -23.24 20.99
C THR D 133 20.19 -23.03 21.74
N ARG D 134 20.84 -24.15 22.05
CA ARG D 134 22.07 -24.13 22.83
C ARG D 134 23.14 -23.30 22.16
N GLU D 135 23.14 -23.24 20.83
CA GLU D 135 24.10 -22.37 20.13
C GLU D 135 23.76 -20.89 20.22
N GLY D 136 22.58 -20.56 20.76
CA GLY D 136 22.22 -19.16 20.93
C GLY D 136 21.82 -18.41 19.69
N ASN D 137 21.53 -19.10 18.58
CA ASN D 137 21.21 -18.44 17.34
C ASN D 137 20.00 -19.10 16.71
N VAL D 138 19.11 -18.27 16.18
CA VAL D 138 17.85 -18.73 15.61
C VAL D 138 18.08 -19.60 14.38
N ARG D 139 17.23 -20.62 14.24
CA ARG D 139 17.23 -21.51 13.08
C ARG D 139 15.84 -22.10 12.90
N VAL D 140 15.54 -22.51 11.67
CA VAL D 140 14.30 -23.19 11.33
C VAL D 140 14.32 -24.59 11.95
N SER D 141 13.34 -24.87 12.81
CA SER D 141 13.21 -26.23 13.33
C SER D 141 12.46 -27.16 12.37
N ARG D 142 11.38 -26.67 11.73
CA ARG D 142 10.64 -27.44 10.73
C ARG D 142 10.11 -26.52 9.65
N GLU D 143 9.95 -27.09 8.45
CA GLU D 143 9.15 -26.49 7.37
C GLU D 143 7.97 -27.40 7.07
N LEU D 144 6.76 -26.89 7.28
CA LEU D 144 5.52 -27.66 7.08
C LEU D 144 4.97 -27.37 5.69
N ALA D 145 5.05 -28.36 4.82
CA ALA D 145 4.72 -28.23 3.40
C ALA D 145 3.66 -29.26 3.03
N GLY D 146 2.64 -28.83 2.28
CA GLY D 146 1.51 -29.66 1.95
C GLY D 146 0.22 -28.91 1.72
N HIS D 147 0.14 -27.68 2.23
CA HIS D 147 -0.86 -26.74 1.75
C HIS D 147 -0.60 -26.38 0.28
N THR D 148 -1.68 -26.32 -0.50
CA THR D 148 -1.60 -26.06 -1.93
C THR D 148 -2.00 -24.64 -2.24
N GLY D 149 -1.65 -23.72 -1.35
CA GLY D 149 -2.05 -22.32 -1.45
C GLY D 149 -1.43 -21.54 -0.30
N TYR D 150 -1.46 -20.22 -0.46
CA TYR D 150 -0.80 -19.34 0.49
C TYR D 150 -1.41 -19.52 1.88
N LEU D 151 -0.54 -19.52 2.89
CA LEU D 151 -0.96 -19.61 4.29
C LEU D 151 -1.38 -18.24 4.80
N SER D 152 -2.67 -18.08 5.08
CA SER D 152 -3.19 -16.78 5.49
C SER D 152 -3.11 -16.56 7.00
N CYS D 153 -3.19 -17.64 7.79
CA CYS D 153 -3.13 -17.55 9.24
C CYS D 153 -2.58 -18.86 9.79
N CYS D 154 -1.86 -18.76 10.91
CA CYS D 154 -1.47 -19.91 11.73
C CYS D 154 -1.45 -19.51 13.19
N ARG D 155 -1.66 -20.50 14.07
CA ARG D 155 -1.82 -20.29 15.49
C ARG D 155 -1.37 -21.52 16.24
N PHE D 156 -0.56 -21.33 17.28
CA PHE D 156 -0.09 -22.45 18.10
C PHE D 156 -1.16 -22.89 19.10
N LEU D 157 -1.38 -24.20 19.16
CA LEU D 157 -2.12 -24.80 20.26
C LEU D 157 -1.21 -25.20 21.40
N ASP D 158 0.03 -25.53 21.09
CA ASP D 158 0.91 -26.18 22.05
C ASP D 158 2.34 -26.12 21.55
N ASP D 159 3.29 -26.48 22.42
CA ASP D 159 4.69 -26.52 22.04
C ASP D 159 4.92 -27.38 20.80
N ASN D 160 3.97 -28.22 20.43
CA ASN D 160 4.18 -29.14 19.33
C ASN D 160 3.02 -29.20 18.34
N GLN D 161 1.96 -28.41 18.53
CA GLN D 161 0.84 -28.44 17.57
C GLN D 161 0.52 -27.04 17.07
N ILE D 162 0.40 -26.88 15.75
CA ILE D 162 0.05 -25.63 15.07
C ILE D 162 -1.13 -25.87 14.13
N VAL D 163 -2.17 -25.02 14.25
CA VAL D 163 -3.24 -24.91 13.28
C VAL D 163 -2.86 -23.90 12.19
N THR D 164 -3.25 -24.20 10.95
CA THR D 164 -2.85 -23.43 9.79
C THR D 164 -4.01 -23.23 8.84
N SER D 165 -4.00 -22.09 8.13
CA SER D 165 -5.05 -21.63 7.24
C SER D 165 -4.48 -21.26 5.87
N SER D 166 -5.17 -21.67 4.80
CA SER D 166 -4.59 -21.59 3.45
C SER D 166 -5.62 -21.09 2.43
N GLY D 167 -5.11 -20.45 1.38
CA GLY D 167 -5.91 -20.10 0.22
C GLY D 167 -6.48 -21.26 -0.54
N ASP D 168 -6.02 -22.49 -0.31
CA ASP D 168 -6.61 -23.64 -0.96
C ASP D 168 -7.95 -24.11 -0.31
N THR D 169 -8.62 -23.25 0.47
CA THR D 169 -9.87 -23.49 1.18
C THR D 169 -9.75 -24.45 2.37
N THR D 170 -8.56 -24.92 2.74
CA THR D 170 -8.46 -25.91 3.80
C THR D 170 -7.74 -25.31 5.00
N CYS D 171 -8.11 -25.76 6.19
CA CYS D 171 -7.23 -25.68 7.36
C CYS D 171 -6.57 -27.03 7.60
N ALA D 172 -5.48 -27.01 8.38
CA ALA D 172 -4.81 -28.24 8.78
C ALA D 172 -4.22 -28.09 10.17
N LEU D 173 -4.23 -29.21 10.91
CA LEU D 173 -3.58 -29.31 12.22
C LEU D 173 -2.34 -30.19 12.05
N TRP D 174 -1.17 -29.63 12.35
CA TRP D 174 0.10 -30.29 12.15
C TRP D 174 0.71 -30.75 13.49
N ASP D 175 1.29 -31.95 13.48
CA ASP D 175 2.27 -32.32 14.49
C ASP D 175 3.64 -31.83 14.02
N ILE D 176 4.23 -30.94 14.81
CA ILE D 176 5.48 -30.28 14.41
C ILE D 176 6.64 -31.28 14.36
N GLU D 177 6.84 -32.03 15.44
CA GLU D 177 7.99 -32.93 15.53
C GLU D 177 8.07 -33.88 14.33
N THR D 178 6.94 -34.48 13.94
CA THR D 178 6.92 -35.35 12.79
C THR D 178 6.59 -34.63 11.50
N GLY D 179 6.16 -33.37 11.57
CA GLY D 179 6.01 -32.58 10.37
C GLY D 179 4.91 -33.02 9.43
N GLN D 180 3.77 -33.47 9.95
CA GLN D 180 2.74 -34.05 9.11
C GLN D 180 1.39 -33.61 9.63
N GLN D 181 0.42 -33.59 8.73
CA GLN D 181 -0.94 -33.22 9.09
C GLN D 181 -1.63 -34.32 9.88
N THR D 182 -2.02 -34.00 11.11
CA THR D 182 -2.85 -34.92 11.88
C THR D 182 -4.26 -34.98 11.30
N THR D 183 -4.81 -33.82 10.90
CA THR D 183 -6.17 -33.69 10.40
C THR D 183 -6.19 -32.49 9.47
N THR D 184 -7.14 -32.49 8.53
CA THR D 184 -7.40 -31.34 7.68
C THR D 184 -8.89 -31.03 7.70
N PHE D 185 -9.20 -29.72 7.73
CA PHE D 185 -10.57 -29.21 7.90
C PHE D 185 -11.03 -28.64 6.56
N THR D 186 -12.14 -29.15 6.04
CA THR D 186 -12.53 -28.98 4.65
C THR D 186 -14.02 -28.67 4.55
N GLY D 187 -14.38 -27.79 3.61
CA GLY D 187 -15.76 -27.42 3.36
C GLY D 187 -15.99 -25.93 3.30
N HIS D 188 -14.91 -25.15 3.44
CA HIS D 188 -14.94 -23.77 2.97
C HIS D 188 -14.91 -23.71 1.43
N THR D 189 -15.53 -22.66 0.90
CA THR D 189 -15.65 -22.51 -0.54
C THR D 189 -14.69 -21.46 -1.07
N GLY D 190 -13.90 -20.82 -0.20
CA GLY D 190 -12.97 -19.83 -0.65
C GLY D 190 -11.73 -19.75 0.23
N ASP D 191 -10.87 -18.76 -0.02
CA ASP D 191 -9.65 -18.61 0.76
C ASP D 191 -9.98 -18.36 2.22
N VAL D 192 -9.58 -19.28 3.09
CA VAL D 192 -9.70 -19.01 4.53
C VAL D 192 -8.66 -17.97 4.92
N MET D 193 -9.12 -16.89 5.57
CA MET D 193 -8.31 -15.70 5.79
C MET D 193 -7.75 -15.61 7.20
N SER D 194 -8.55 -15.91 8.22
CA SER D 194 -8.08 -15.83 9.60
C SER D 194 -8.62 -16.96 10.45
N LEU D 195 -7.78 -17.43 11.38
CA LEU D 195 -8.19 -18.33 12.44
C LEU D 195 -8.49 -17.53 13.71
N SER D 196 -9.25 -18.13 14.63
CA SER D 196 -9.18 -17.72 16.03
C SER D 196 -9.44 -18.91 16.94
N LEU D 197 -8.48 -19.23 17.79
CA LEU D 197 -8.60 -20.34 18.73
C LEU D 197 -9.40 -19.92 19.97
N ALA D 198 -10.21 -20.85 20.47
CA ALA D 198 -10.95 -20.61 21.67
C ALA D 198 -10.01 -20.51 22.87
N PRO D 199 -10.40 -19.80 23.92
CA PRO D 199 -9.56 -19.73 25.13
C PRO D 199 -9.29 -21.08 25.77
N ASP D 200 -10.23 -22.02 25.68
CA ASP D 200 -9.99 -23.43 25.97
C ASP D 200 -9.94 -24.16 24.63
N THR D 201 -8.80 -24.77 24.34
CA THR D 201 -8.34 -25.01 22.98
C THR D 201 -9.01 -26.23 22.37
N ARG D 202 -10.34 -26.31 22.47
CA ARG D 202 -11.07 -27.37 21.80
C ARG D 202 -11.67 -26.93 20.48
N LEU D 203 -11.97 -25.65 20.31
CA LEU D 203 -12.65 -25.16 19.12
C LEU D 203 -11.84 -24.04 18.50
N PHE D 204 -11.94 -23.89 17.17
CA PHE D 204 -11.55 -22.65 16.48
C PHE D 204 -12.56 -22.31 15.39
N VAL D 205 -12.78 -21.01 15.18
CA VAL D 205 -13.54 -20.44 14.06
C VAL D 205 -12.62 -20.02 12.92
N SER D 206 -13.11 -20.11 11.68
CA SER D 206 -12.43 -19.50 10.53
C SER D 206 -13.39 -18.92 9.50
N GLY D 207 -12.98 -17.80 8.90
CA GLY D 207 -13.75 -17.13 7.85
C GLY D 207 -12.95 -17.14 6.56
N ALA D 208 -13.65 -17.31 5.44
CA ALA D 208 -12.96 -17.87 4.28
C ALA D 208 -13.46 -17.33 2.95
N CYS D 209 -13.49 -16.01 2.78
CA CYS D 209 -13.72 -15.37 1.48
C CYS D 209 -14.96 -15.90 0.81
N ASP D 210 -15.87 -16.45 1.59
CA ASP D 210 -17.28 -16.48 1.23
C ASP D 210 -18.07 -15.77 2.33
N ALA D 211 -19.39 -15.83 2.22
CA ALA D 211 -20.16 -15.13 3.23
C ALA D 211 -19.99 -15.70 4.62
N SER D 212 -19.18 -16.74 4.82
CA SER D 212 -19.39 -17.64 5.95
C SER D 212 -18.17 -17.76 6.84
N ALA D 213 -18.43 -17.98 8.12
CA ALA D 213 -17.46 -18.39 9.12
C ALA D 213 -17.89 -19.75 9.67
N LYS D 214 -16.93 -20.61 9.93
CA LYS D 214 -17.20 -21.98 10.36
C LYS D 214 -16.47 -22.30 11.65
N LEU D 215 -17.17 -23.03 12.53
CA LEU D 215 -16.66 -23.51 13.82
C LEU D 215 -16.20 -24.96 13.68
N TRP D 216 -14.96 -25.24 14.05
CA TRP D 216 -14.30 -26.52 13.87
C TRP D 216 -13.93 -27.11 15.23
N ASP D 217 -14.09 -28.42 15.35
CA ASP D 217 -13.67 -29.15 16.54
C ASP D 217 -12.31 -29.77 16.28
N VAL D 218 -11.31 -29.32 17.05
CA VAL D 218 -9.93 -29.72 16.81
C VAL D 218 -9.75 -31.22 17.01
N ARG D 219 -10.48 -31.82 17.94
CA ARG D 219 -10.35 -33.24 18.22
C ARG D 219 -11.26 -34.07 17.32
N GLU D 220 -12.52 -33.64 17.10
CA GLU D 220 -13.39 -34.42 16.22
C GLU D 220 -13.08 -34.20 14.74
N GLY D 221 -12.37 -33.12 14.40
CA GLY D 221 -12.00 -32.92 13.01
C GLY D 221 -13.10 -32.47 12.08
N MET D 222 -14.23 -31.94 12.61
CA MET D 222 -15.41 -31.70 11.81
C MET D 222 -15.97 -30.31 12.10
N CYS D 223 -16.73 -29.77 11.12
CA CYS D 223 -17.38 -28.48 11.28
C CYS D 223 -18.66 -28.59 12.11
N ARG D 224 -18.68 -27.95 13.28
CA ARG D 224 -19.90 -27.99 14.10
C ARG D 224 -20.99 -27.02 13.64
N GLN D 225 -20.62 -25.81 13.21
CA GLN D 225 -21.61 -24.78 12.89
C GLN D 225 -21.10 -23.88 11.76
N THR D 226 -22.06 -23.30 11.03
CA THR D 226 -21.77 -22.39 9.93
C THR D 226 -22.58 -21.10 10.06
N PHE D 227 -21.87 -19.96 10.09
CA PHE D 227 -22.44 -18.61 10.21
C PHE D 227 -22.34 -17.90 8.86
N THR D 228 -23.41 -17.18 8.45
CA THR D 228 -23.57 -16.80 7.04
C THR D 228 -24.15 -15.40 6.87
N GLY D 229 -23.90 -14.49 7.82
CA GLY D 229 -24.53 -13.19 7.73
C GLY D 229 -23.89 -12.19 6.78
N HIS D 230 -22.59 -12.28 6.58
CA HIS D 230 -21.83 -11.26 5.84
C HIS D 230 -22.16 -11.24 4.36
N GLU D 231 -22.01 -10.04 3.78
CA GLU D 231 -22.18 -9.83 2.35
C GLU D 231 -20.96 -10.25 1.52
N SER D 232 -19.76 -10.19 2.10
CA SER D 232 -18.55 -10.39 1.31
C SER D 232 -17.48 -11.02 2.19
N ASP D 233 -16.25 -11.03 1.67
CA ASP D 233 -15.14 -11.76 2.26
C ASP D 233 -14.92 -11.35 3.72
N ILE D 234 -14.87 -12.33 4.61
CA ILE D 234 -14.46 -12.13 6.00
C ILE D 234 -12.94 -12.12 6.03
N ASN D 235 -12.35 -10.95 6.30
CA ASN D 235 -10.90 -10.85 6.43
C ASN D 235 -10.43 -11.28 7.82
N ALA D 236 -11.11 -10.84 8.89
CA ALA D 236 -10.65 -10.97 10.26
C ALA D 236 -11.67 -11.68 11.13
N ILE D 237 -11.20 -12.49 12.07
CA ILE D 237 -12.06 -13.19 13.03
C ILE D 237 -11.37 -13.19 14.39
N CYS D 238 -12.18 -13.06 15.45
CA CYS D 238 -11.66 -13.04 16.80
C CYS D 238 -12.74 -13.51 17.77
N PHE D 239 -12.39 -14.51 18.61
CA PHE D 239 -13.29 -14.93 19.69
C PHE D 239 -13.52 -13.83 20.72
N PHE D 240 -14.78 -13.78 21.18
CA PHE D 240 -15.12 -13.04 22.38
C PHE D 240 -14.53 -13.77 23.61
N PRO D 241 -14.03 -13.04 24.61
CA PRO D 241 -13.21 -13.67 25.63
C PRO D 241 -13.92 -14.77 26.41
N ASN D 242 -15.26 -14.78 26.46
CA ASN D 242 -15.95 -15.86 27.12
C ASN D 242 -15.81 -17.17 26.35
N GLY D 243 -15.47 -17.11 25.07
CA GLY D 243 -15.38 -18.28 24.22
C GLY D 243 -16.68 -18.77 23.65
N ASN D 244 -17.76 -18.02 23.82
CA ASN D 244 -19.07 -18.44 23.35
C ASN D 244 -19.57 -17.52 22.25
N ALA D 245 -18.77 -16.53 21.88
CA ALA D 245 -19.12 -15.66 20.75
C ALA D 245 -17.85 -15.28 20.02
N PHE D 246 -18.00 -14.81 18.78
CA PHE D 246 -16.85 -14.34 18.01
C PHE D 246 -17.28 -13.21 17.09
N ALA D 247 -16.34 -12.28 16.85
CA ALA D 247 -16.52 -11.14 15.95
C ALA D 247 -15.87 -11.37 14.60
N THR D 248 -16.44 -10.74 13.56
CA THR D 248 -16.03 -10.96 12.20
C THR D 248 -15.94 -9.64 11.44
N GLY D 249 -14.84 -9.41 10.74
CA GLY D 249 -14.66 -8.18 9.98
C GLY D 249 -14.52 -8.50 8.51
N SER D 250 -15.11 -7.64 7.66
CA SER D 250 -15.34 -7.98 6.26
C SER D 250 -15.19 -6.74 5.37
N ASP D 251 -15.04 -7.02 4.07
CA ASP D 251 -15.13 -6.02 3.03
C ASP D 251 -16.49 -5.36 2.96
N ASP D 252 -17.51 -5.86 3.68
CA ASP D 252 -18.74 -5.11 3.82
C ASP D 252 -18.51 -3.73 4.40
N ALA D 253 -17.34 -3.48 5.00
CA ALA D 253 -17.13 -2.38 5.92
C ALA D 253 -17.97 -2.51 7.16
N THR D 254 -18.29 -3.76 7.55
CA THR D 254 -19.06 -4.06 8.73
C THR D 254 -18.31 -5.07 9.58
N CYS D 255 -18.43 -4.94 10.90
CA CYS D 255 -18.17 -6.00 11.84
C CYS D 255 -19.48 -6.61 12.32
N ARG D 256 -19.47 -7.93 12.55
CA ARG D 256 -20.62 -8.64 13.11
C ARG D 256 -20.19 -9.63 14.18
N LEU D 257 -21.01 -9.73 15.23
CA LEU D 257 -20.78 -10.62 16.37
C LEU D 257 -21.77 -11.79 16.33
N PHE D 258 -21.24 -13.01 16.37
CA PHE D 258 -22.01 -14.25 16.29
C PHE D 258 -21.90 -14.99 17.62
N ASP D 259 -22.98 -15.61 18.04
CA ASP D 259 -22.98 -16.41 19.25
C ASP D 259 -23.06 -17.89 18.88
N LEU D 260 -22.13 -18.67 19.44
CA LEU D 260 -21.98 -20.08 19.13
C LEU D 260 -23.08 -20.94 19.74
N ARG D 261 -24.03 -20.33 20.42
CA ARG D 261 -25.02 -21.03 21.21
C ARG D 261 -26.43 -20.55 20.97
N ALA D 262 -26.63 -19.32 20.49
CA ALA D 262 -27.83 -18.94 19.77
C ALA D 262 -27.69 -19.18 18.28
N ASP D 263 -26.47 -19.49 17.83
CA ASP D 263 -26.19 -19.90 16.45
C ASP D 263 -26.53 -18.81 15.41
N GLN D 264 -26.42 -17.53 15.75
CA GLN D 264 -26.85 -16.49 14.84
C GLN D 264 -26.20 -15.18 15.26
N GLU D 265 -26.31 -14.18 14.38
CA GLU D 265 -25.90 -12.81 14.69
C GLU D 265 -26.56 -12.28 15.95
N LEU D 266 -25.73 -11.67 16.79
CA LEU D 266 -26.26 -10.80 17.81
C LEU D 266 -26.36 -9.34 17.35
N MET D 267 -25.33 -8.82 16.67
CA MET D 267 -25.23 -7.37 16.48
C MET D 267 -24.34 -7.09 15.28
N THR D 268 -24.62 -5.97 14.60
CA THR D 268 -23.82 -5.52 13.47
C THR D 268 -23.29 -4.11 13.75
N TYR D 269 -21.96 -3.96 13.68
CA TYR D 269 -21.29 -2.67 13.88
C TYR D 269 -21.00 -2.04 12.52
N SER D 270 -21.69 -0.93 12.21
CA SER D 270 -21.60 -0.36 10.87
C SER D 270 -21.98 1.11 10.97
N HIS D 271 -21.11 1.98 10.52
CA HIS D 271 -21.34 3.42 10.43
C HIS D 271 -21.24 3.77 8.95
N ASP D 272 -22.32 4.37 8.44
CA ASP D 272 -22.42 4.75 7.04
C ASP D 272 -21.46 5.85 6.60
N ASN D 273 -20.79 6.53 7.54
CA ASN D 273 -19.68 7.42 7.18
C ASN D 273 -18.43 6.68 6.70
N ILE D 274 -18.36 5.36 6.87
CA ILE D 274 -17.18 4.58 6.46
C ILE D 274 -17.61 3.39 5.60
N ILE D 275 -16.94 3.23 4.47
CA ILE D 275 -17.37 2.38 3.37
C ILE D 275 -16.22 1.44 2.96
N CYS D 276 -15.23 1.26 3.84
CA CYS D 276 -14.03 0.49 3.49
C CYS D 276 -13.86 -0.71 4.40
N GLY D 277 -13.16 -1.72 3.83
CA GLY D 277 -13.09 -3.03 4.43
C GLY D 277 -12.37 -3.05 5.77
N ILE D 278 -12.77 -3.99 6.61
CA ILE D 278 -12.12 -4.32 7.87
C ILE D 278 -10.89 -5.21 7.65
N THR D 279 -9.73 -4.79 8.20
CA THR D 279 -8.50 -5.53 7.98
C THR D 279 -8.09 -6.41 9.16
N SER D 280 -8.44 -6.02 10.39
CA SER D 280 -8.12 -6.82 11.57
C SER D 280 -9.12 -6.48 12.66
N VAL D 281 -9.35 -7.43 13.56
CA VAL D 281 -10.32 -7.28 14.64
C VAL D 281 -9.73 -7.87 15.92
N SER D 282 -9.93 -7.16 17.05
CA SER D 282 -9.60 -7.71 18.36
C SER D 282 -10.58 -7.20 19.39
N PHE D 283 -10.93 -8.06 20.35
CA PHE D 283 -11.60 -7.63 21.57
C PHE D 283 -10.58 -7.16 22.62
N SER D 284 -11.08 -6.39 23.57
CA SER D 284 -10.41 -6.17 24.85
C SER D 284 -10.65 -7.32 25.81
N LYS D 285 -9.93 -7.26 26.94
CA LYS D 285 -10.02 -8.32 27.96
C LYS D 285 -11.43 -8.49 28.50
N SER D 286 -12.14 -7.38 28.77
CA SER D 286 -13.50 -7.50 29.24
C SER D 286 -14.45 -7.96 28.13
N GLY D 287 -14.04 -7.78 26.87
CA GLY D 287 -14.89 -8.00 25.74
C GLY D 287 -15.80 -6.86 25.37
N ARG D 288 -15.89 -5.79 26.17
CA ARG D 288 -16.86 -4.75 25.83
C ARG D 288 -16.36 -3.85 24.72
N LEU D 289 -15.04 -3.66 24.62
CA LEU D 289 -14.44 -2.93 23.51
C LEU D 289 -14.10 -3.94 22.42
N LEU D 290 -14.65 -3.70 21.22
CA LEU D 290 -14.22 -4.34 19.98
C LEU D 290 -13.38 -3.36 19.15
N LEU D 291 -12.14 -3.73 18.86
CA LEU D 291 -11.22 -2.91 18.11
C LEU D 291 -11.09 -3.43 16.69
N ALA D 292 -11.30 -2.55 15.71
CA ALA D 292 -11.30 -2.92 14.30
C ALA D 292 -10.39 -2.03 13.48
N GLY D 293 -9.56 -2.64 12.65
CA GLY D 293 -8.70 -1.95 11.73
C GLY D 293 -9.30 -1.89 10.33
N TYR D 294 -8.99 -0.81 9.60
CA TYR D 294 -9.67 -0.48 8.37
C TYR D 294 -8.69 -0.19 7.22
N ASP D 295 -9.23 -0.24 6.00
CA ASP D 295 -8.48 0.16 4.82
C ASP D 295 -8.26 1.67 4.77
N ASP D 296 -9.28 2.45 5.17
CA ASP D 296 -9.00 3.78 5.64
C ASP D 296 -8.07 3.72 6.85
N PHE D 297 -7.07 4.59 6.82
CA PHE D 297 -5.84 4.38 7.57
C PHE D 297 -6.04 4.57 9.06
N ASN D 298 -6.86 3.72 9.66
CA ASN D 298 -7.48 4.05 10.92
C ASN D 298 -7.86 2.76 11.62
N CYS D 299 -8.09 2.88 12.93
CA CYS D 299 -8.81 1.91 13.71
C CYS D 299 -9.94 2.61 14.45
N ASN D 300 -11.05 1.88 14.63
CA ASN D 300 -12.20 2.32 15.40
C ASN D 300 -12.46 1.39 16.58
N VAL D 301 -12.96 1.97 17.67
CA VAL D 301 -13.28 1.24 18.90
C VAL D 301 -14.79 1.27 19.12
N TRP D 302 -15.41 0.10 19.22
CA TRP D 302 -16.86 -0.08 19.27
C TRP D 302 -17.28 -0.60 20.63
N ASP D 303 -18.38 -0.06 21.15
CA ASP D 303 -19.07 -0.67 22.27
C ASP D 303 -19.76 -1.94 21.76
N ALA D 304 -19.15 -3.08 22.05
CA ALA D 304 -19.66 -4.35 21.54
C ALA D 304 -21.09 -4.66 22.04
N LEU D 305 -21.53 -4.06 23.14
CA LEU D 305 -22.90 -4.30 23.62
C LEU D 305 -23.94 -3.33 23.06
N LYS D 306 -23.53 -2.13 22.63
CA LYS D 306 -24.49 -1.13 22.19
C LYS D 306 -24.28 -0.67 20.75
N ALA D 307 -23.19 -1.12 20.09
CA ALA D 307 -22.87 -0.68 18.73
C ALA D 307 -22.75 0.82 18.58
N ASP D 308 -22.15 1.47 19.57
CA ASP D 308 -21.78 2.87 19.42
C ASP D 308 -20.27 2.95 19.16
N ARG D 309 -19.87 3.83 18.23
CA ARG D 309 -18.48 4.07 17.86
C ARG D 309 -17.85 4.95 18.94
N ALA D 310 -17.18 4.29 19.89
CA ALA D 310 -16.65 4.95 21.07
C ALA D 310 -15.39 5.76 20.81
N GLY D 311 -14.56 5.35 19.86
CA GLY D 311 -13.26 6.02 19.74
C GLY D 311 -12.56 5.73 18.43
N VAL D 312 -11.48 6.46 18.19
CA VAL D 312 -10.74 6.38 16.92
C VAL D 312 -9.25 6.58 17.18
N LEU D 313 -8.41 5.85 16.46
CA LEU D 313 -6.97 5.82 16.64
C LEU D 313 -6.26 6.23 15.34
N ALA D 314 -6.37 7.49 14.97
CA ALA D 314 -6.06 7.97 13.61
C ALA D 314 -4.59 8.16 13.35
N GLY D 315 -3.72 7.26 13.81
CA GLY D 315 -2.29 7.51 13.82
C GLY D 315 -1.49 7.02 12.62
N HIS D 316 -2.11 6.43 11.59
CA HIS D 316 -1.38 5.73 10.54
C HIS D 316 -1.47 6.39 9.18
N ASP D 317 -0.40 6.21 8.40
CA ASP D 317 -0.22 6.79 7.07
C ASP D 317 -0.61 5.84 5.96
N ASN D 318 -0.96 4.60 6.28
CA ASN D 318 -1.33 3.62 5.27
C ASN D 318 -2.27 2.63 5.95
N ARG D 319 -2.82 1.70 5.15
CA ARG D 319 -3.86 0.83 5.71
C ARG D 319 -3.31 0.05 6.91
N VAL D 320 -4.13 -0.04 7.95
CA VAL D 320 -3.86 -0.93 9.08
C VAL D 320 -4.00 -2.37 8.63
N SER D 321 -3.02 -3.19 9.00
CA SER D 321 -2.91 -4.55 8.50
C SER D 321 -3.02 -5.59 9.61
N CYS D 322 -2.69 -5.22 10.85
CA CYS D 322 -2.71 -6.15 11.97
C CYS D 322 -3.01 -5.42 13.27
N LEU D 323 -3.61 -6.13 14.22
CA LEU D 323 -4.11 -5.48 15.42
C LEU D 323 -4.21 -6.50 16.53
N GLY D 324 -3.68 -6.18 17.70
CA GLY D 324 -3.79 -7.11 18.82
C GLY D 324 -3.61 -6.50 20.19
N VAL D 325 -4.48 -6.93 21.14
CA VAL D 325 -4.31 -6.64 22.55
C VAL D 325 -3.43 -7.70 23.19
N THR D 326 -2.70 -7.29 24.22
CA THR D 326 -1.99 -8.18 25.10
C THR D 326 -2.97 -9.00 25.93
N ASP D 327 -2.52 -10.17 26.38
CA ASP D 327 -3.31 -11.00 27.29
C ASP D 327 -3.56 -10.34 28.64
N ASP D 328 -2.77 -9.33 29.01
CA ASP D 328 -3.06 -8.56 30.19
C ASP D 328 -4.09 -7.47 29.91
N GLY D 329 -4.43 -7.23 28.66
CA GLY D 329 -5.29 -6.12 28.29
C GLY D 329 -4.63 -4.77 28.40
N MET D 330 -3.30 -4.72 28.55
CA MET D 330 -2.59 -3.52 28.95
C MET D 330 -2.28 -2.58 27.81
N ALA D 331 -2.24 -3.09 26.57
CA ALA D 331 -1.91 -2.24 25.43
C ALA D 331 -2.50 -2.85 24.18
N VAL D 332 -2.69 -1.97 23.19
CA VAL D 332 -3.11 -2.35 21.85
C VAL D 332 -1.95 -2.06 20.89
N ALA D 333 -1.51 -3.10 20.19
CA ALA D 333 -0.55 -2.94 19.11
C ALA D 333 -1.26 -2.86 17.77
N THR D 334 -0.81 -1.91 16.95
CA THR D 334 -1.30 -1.75 15.59
C THR D 334 -0.14 -1.72 14.60
N GLY D 335 -0.28 -2.44 13.50
CA GLY D 335 0.70 -2.38 12.43
C GLY D 335 0.03 -2.01 11.11
N SER D 336 0.78 -1.38 10.21
CA SER D 336 0.24 -0.87 8.96
C SER D 336 1.34 -0.90 7.92
N TRP D 337 0.91 -0.71 6.67
CA TRP D 337 1.81 -0.73 5.51
C TRP D 337 2.81 0.43 5.48
N ASP D 338 2.68 1.41 6.38
CA ASP D 338 3.67 2.46 6.56
C ASP D 338 4.88 2.00 7.33
N SER D 339 5.04 0.69 7.56
CA SER D 339 6.22 0.06 8.15
C SER D 339 6.42 0.33 9.66
N PHE D 340 5.39 0.78 10.38
CA PHE D 340 5.56 1.02 11.80
C PHE D 340 4.52 0.24 12.60
N LEU D 341 4.92 -0.23 13.78
CA LEU D 341 3.98 -0.68 14.81
C LEU D 341 3.84 0.42 15.85
N LYS D 342 2.60 0.81 16.12
CA LYS D 342 2.27 1.77 17.16
C LYS D 342 1.60 1.09 18.34
N ILE D 343 2.09 1.36 19.54
CA ILE D 343 1.55 0.78 20.80
C ILE D 343 0.74 1.85 21.52
N TRP D 344 -0.51 1.51 21.88
CA TRP D 344 -1.49 2.46 22.37
C TRP D 344 -1.97 2.09 23.78
N ASN D 345 -2.20 3.08 24.64
CA ASN D 345 -2.78 2.90 25.98
C ASN D 345 -3.53 4.15 26.30
N GLY D 346 -4.43 4.05 27.24
CA GLY D 346 -4.97 5.17 27.98
C GLY D 346 -4.27 5.45 29.30
N SER D 347 -4.40 6.70 29.74
CA SER D 347 -4.02 7.15 31.08
C SER D 347 -5.11 8.09 31.59
N SER D 348 -5.48 7.99 32.88
CA SER D 348 -6.57 8.80 33.42
C SER D 348 -6.11 10.24 33.68
N LEU E 167 17.65 57.01 -7.72
CA LEU E 167 16.64 56.08 -7.22
C LEU E 167 17.18 55.37 -5.96
N GLU E 168 16.50 55.56 -4.84
CA GLU E 168 16.87 54.90 -3.60
C GLU E 168 15.63 54.38 -2.89
N VAL E 169 15.67 53.13 -2.45
CA VAL E 169 14.55 52.48 -1.78
C VAL E 169 14.86 52.35 -0.30
N SER E 170 13.99 52.92 0.54
CA SER E 170 14.15 52.90 1.98
C SER E 170 13.84 51.53 2.55
N ILE E 171 14.80 50.98 3.28
CA ILE E 171 14.66 49.66 3.87
C ILE E 171 15.08 49.62 5.34
N SER E 172 15.85 50.58 5.82
CA SER E 172 16.78 50.41 6.93
C SER E 172 16.08 50.19 8.28
N ASP E 173 14.76 50.30 8.36
CA ASP E 173 14.15 50.18 9.68
C ASP E 173 12.86 49.37 9.61
N GLY E 174 12.69 48.45 10.53
CA GLY E 174 11.42 47.77 10.80
C GLY E 174 11.04 46.73 9.78
N LEU E 175 11.03 47.08 8.50
CA LEU E 175 10.81 46.11 7.42
C LEU E 175 11.85 45.01 7.44
N PHE E 176 13.12 45.39 7.49
CA PHE E 176 14.25 44.45 7.46
C PHE E 176 14.18 43.46 8.62
N LEU E 177 13.91 44.00 9.81
CA LEU E 177 13.74 43.17 11.00
C LEU E 177 12.57 42.19 10.91
N SER E 178 11.39 42.70 10.59
CA SER E 178 10.19 41.87 10.52
C SER E 178 10.27 40.82 9.42
N LEU E 179 10.89 41.18 8.28
CA LEU E 179 11.15 40.21 7.22
C LEU E 179 12.06 39.08 7.68
N GLY E 180 13.08 39.46 8.46
CA GLY E 180 13.92 38.44 9.09
C GLY E 180 13.18 37.54 10.06
N LEU E 181 12.31 38.11 10.87
CA LEU E 181 11.56 37.31 11.84
C LEU E 181 10.60 36.32 11.19
N VAL E 182 9.94 36.77 10.12
CA VAL E 182 9.12 35.85 9.30
C VAL E 182 9.96 34.72 8.73
N SER E 183 11.13 35.06 8.19
CA SER E 183 12.01 34.01 7.66
C SER E 183 12.41 33.04 8.76
N LEU E 184 12.73 33.55 9.94
CA LEU E 184 13.03 32.70 11.10
C LEU E 184 11.93 31.68 11.39
N VAL E 185 10.68 32.16 11.36
CA VAL E 185 9.54 31.27 11.60
C VAL E 185 9.48 30.17 10.55
N GLU E 186 9.46 30.54 9.28
CA GLU E 186 9.36 29.52 8.21
C GLU E 186 10.51 28.51 8.23
N ASN E 187 11.75 28.99 8.39
CA ASN E 187 12.91 28.07 8.45
C ASN E 187 12.83 27.15 9.66
N ALA E 188 12.47 27.69 10.82
CA ALA E 188 12.40 26.83 11.98
C ALA E 188 11.30 25.82 11.82
N LEU E 189 10.18 26.21 11.22
CA LEU E 189 9.12 25.25 11.03
C LEU E 189 9.57 24.07 10.16
N VAL E 190 10.32 24.34 9.09
CA VAL E 190 10.91 23.24 8.29
C VAL E 190 11.79 22.34 9.14
N VAL E 191 12.73 22.95 9.88
CA VAL E 191 13.68 22.15 10.69
C VAL E 191 12.96 21.37 11.77
N ALA E 192 12.02 21.99 12.47
CA ALA E 192 11.23 21.29 13.48
C ALA E 192 10.41 20.15 12.90
N THR E 193 9.80 20.36 11.72
CA THR E 193 9.04 19.31 11.08
C THR E 193 9.94 18.18 10.58
N ILE E 194 11.26 18.39 10.54
CA ILE E 194 12.11 17.26 10.21
C ILE E 194 12.70 16.62 11.47
N ALA E 195 12.86 17.40 12.52
CA ALA E 195 13.39 16.86 13.77
C ALA E 195 12.39 15.96 14.47
N LYS E 196 11.13 16.35 14.56
CA LYS E 196 10.06 15.39 14.74
C LYS E 196 9.75 14.67 13.43
N ASN E 197 8.93 13.64 13.53
CA ASN E 197 8.52 12.82 12.38
C ASN E 197 9.74 12.21 11.67
N ARG E 198 10.53 11.45 12.43
CA ARG E 198 11.77 10.84 11.97
C ARG E 198 11.63 10.07 10.65
N ASN E 199 10.42 9.63 10.28
CA ASN E 199 10.18 8.93 9.02
C ASN E 199 10.79 9.62 7.80
N LEU E 200 10.86 10.95 7.82
CA LEU E 200 11.35 11.68 6.65
C LEU E 200 12.87 11.70 6.54
N HIS E 201 13.60 11.31 7.58
CA HIS E 201 15.06 11.48 7.61
C HIS E 201 15.76 10.62 6.53
N SER E 202 16.25 11.29 5.47
CA SER E 202 16.61 10.69 4.19
C SER E 202 17.54 11.66 3.46
N PRO E 203 18.29 11.22 2.45
CA PRO E 203 19.19 12.14 1.75
C PRO E 203 18.47 13.35 1.13
N MET E 204 17.33 13.08 0.52
CA MET E 204 16.49 14.11 -0.06
C MET E 204 16.14 15.15 0.99
N TYR E 205 15.46 14.75 2.06
CA TYR E 205 14.98 15.77 2.99
C TYR E 205 16.04 16.20 3.97
N CYS E 206 17.13 15.44 4.12
CA CYS E 206 18.21 15.95 4.94
C CYS E 206 18.92 17.12 4.26
N PHE E 207 19.10 17.08 2.93
CA PHE E 207 19.60 18.27 2.23
C PHE E 207 18.63 19.46 2.31
N ILE E 208 17.35 19.20 2.24
CA ILE E 208 16.35 20.26 2.40
C ILE E 208 16.36 20.85 3.81
N CYS E 209 16.47 20.00 4.83
CA CYS E 209 16.63 20.50 6.20
C CYS E 209 17.91 21.30 6.38
N CYS E 210 19.00 20.85 5.79
CA CYS E 210 20.24 21.64 5.87
C CYS E 210 20.11 23.01 5.16
N LEU E 211 19.40 23.05 4.02
CA LEU E 211 19.09 24.33 3.41
C LEU E 211 18.29 25.22 4.35
N ALA E 212 17.24 24.67 4.95
CA ALA E 212 16.40 25.50 5.82
C ALA E 212 17.13 25.96 7.06
N LEU E 213 18.02 25.12 7.59
CA LEU E 213 18.91 25.53 8.67
C LEU E 213 19.83 26.68 8.25
N SER E 214 20.44 26.58 7.08
CA SER E 214 21.30 27.66 6.62
C SER E 214 20.53 28.98 6.48
N ASP E 215 19.33 28.92 5.89
CA ASP E 215 18.50 30.11 5.81
C ASP E 215 18.08 30.60 7.19
N LEU E 216 17.81 29.67 8.10
CA LEU E 216 17.53 30.03 9.49
C LEU E 216 18.67 30.85 10.09
N LEU E 217 19.91 30.42 9.89
CA LEU E 217 21.04 31.20 10.38
C LEU E 217 21.25 32.51 9.63
N VAL E 218 20.92 32.56 8.34
CA VAL E 218 20.92 33.83 7.61
C VAL E 218 19.97 34.84 8.25
N SER E 219 18.71 34.44 8.38
CA SER E 219 17.69 35.30 8.98
C SER E 219 17.95 35.64 10.44
N GLY E 220 18.41 34.67 11.23
CA GLY E 220 18.74 34.94 12.63
C GLY E 220 19.87 35.94 12.77
N SER E 221 21.01 35.67 12.11
CA SER E 221 22.17 36.54 12.23
C SER E 221 21.91 37.93 11.66
N ASN E 222 21.10 38.08 10.60
CA ASN E 222 20.67 39.41 10.14
C ASN E 222 19.71 40.08 11.13
N VAL E 223 18.80 39.33 11.74
CA VAL E 223 17.96 39.88 12.80
C VAL E 223 18.79 40.38 13.97
N LEU E 224 19.79 39.61 14.39
CA LEU E 224 20.74 40.05 15.41
C LEU E 224 21.55 41.26 14.98
N GLU E 225 22.00 41.29 13.73
CA GLU E 225 22.75 42.47 13.28
C GLU E 225 21.91 43.75 13.31
N THR E 226 20.72 43.71 12.73
CA THR E 226 19.85 44.87 12.73
C THR E 226 19.32 45.21 14.11
N ALA E 227 19.11 44.23 14.98
CA ALA E 227 18.71 44.53 16.35
C ALA E 227 19.82 45.21 17.12
N VAL E 228 21.04 44.65 17.10
CA VAL E 228 22.19 45.28 17.76
C VAL E 228 22.41 46.71 17.25
N ILE E 229 22.41 46.90 15.91
CA ILE E 229 22.61 48.22 15.33
C ILE E 229 21.52 49.18 15.75
N LEU E 230 20.26 48.73 15.74
CA LEU E 230 19.16 49.59 16.17
C LEU E 230 19.27 49.96 17.65
N LEU E 231 19.59 48.99 18.48
CA LEU E 231 19.71 49.22 19.90
C LEU E 231 20.96 50.02 20.27
N LEU E 232 21.99 50.01 19.41
CA LEU E 232 23.07 50.98 19.57
C LEU E 232 22.62 52.37 19.18
N GLU E 233 21.62 52.45 18.32
CA GLU E 233 21.12 53.74 17.88
C GLU E 233 20.15 54.34 18.90
N ALA E 234 19.94 55.65 18.75
CA ALA E 234 19.17 56.47 19.68
C ALA E 234 19.66 56.34 21.11
N GLY E 235 20.96 56.20 21.26
CA GLY E 235 21.50 55.98 22.59
C GLY E 235 21.40 54.53 23.05
N ALA E 236 20.86 54.39 24.25
CA ALA E 236 20.62 53.11 24.95
C ALA E 236 21.95 52.41 25.16
N LEU E 237 22.19 51.24 24.57
CA LEU E 237 23.41 50.49 24.81
C LEU E 237 24.66 51.19 24.26
N VAL E 238 25.78 51.09 24.97
CA VAL E 238 27.04 51.70 24.59
C VAL E 238 28.16 50.66 24.70
N ALA E 239 29.05 50.64 23.70
CA ALA E 239 30.26 49.81 23.73
C ALA E 239 31.40 50.58 23.07
N ARG E 240 32.62 50.33 23.55
CA ARG E 240 33.79 50.90 22.91
C ARG E 240 34.01 50.30 21.53
N ALA E 241 34.34 51.17 20.56
CA ALA E 241 34.36 50.79 19.15
C ALA E 241 35.38 49.67 18.85
N ALA E 242 36.49 49.60 19.59
CA ALA E 242 37.47 48.55 19.37
C ALA E 242 36.96 47.14 19.66
N VAL E 243 35.91 47.02 20.50
CA VAL E 243 35.16 45.78 20.70
C VAL E 243 34.09 45.63 19.63
N LEU E 244 33.34 46.70 19.37
CA LEU E 244 32.17 46.62 18.49
C LEU E 244 32.54 46.19 17.07
N GLN E 245 33.66 46.65 16.55
CA GLN E 245 34.13 46.22 15.22
C GLN E 245 34.42 44.73 15.12
N GLN E 246 34.91 44.11 16.21
CA GLN E 246 35.08 42.67 16.22
C GLN E 246 33.76 41.92 16.43
N LEU E 247 32.83 42.50 17.19
CA LEU E 247 31.49 41.95 17.25
C LEU E 247 30.87 41.92 15.87
N ASP E 248 30.99 43.02 15.15
CA ASP E 248 30.51 43.10 13.78
C ASP E 248 31.16 42.05 12.90
N ASN E 249 32.47 41.91 13.04
CA ASN E 249 33.21 40.90 12.28
C ASN E 249 32.71 39.48 12.51
N VAL E 250 32.41 39.15 13.77
CA VAL E 250 31.90 37.80 14.09
C VAL E 250 30.50 37.58 13.52
N ILE E 251 29.61 38.54 13.70
CA ILE E 251 28.26 38.40 13.14
C ILE E 251 28.28 38.32 11.61
N ASP E 252 29.21 39.03 10.97
CA ASP E 252 29.39 38.88 9.53
C ASP E 252 29.90 37.48 9.16
N VAL E 253 30.85 36.95 9.92
CA VAL E 253 31.39 35.63 9.59
C VAL E 253 30.33 34.53 9.70
N ILE E 254 29.48 34.60 10.73
CA ILE E 254 28.37 33.66 10.82
C ILE E 254 27.36 33.84 9.67
N THR E 255 27.06 35.10 9.31
CA THR E 255 26.09 35.36 8.24
C THR E 255 26.59 34.88 6.89
N CYS E 256 27.82 35.24 6.58
CA CYS E 256 28.43 34.82 5.32
C CYS E 256 28.61 33.29 5.21
N SER E 257 29.02 32.63 6.30
CA SER E 257 29.02 31.17 6.32
C SER E 257 27.66 30.54 6.04
N SER E 258 26.61 31.05 6.68
CA SER E 258 25.26 30.54 6.43
C SER E 258 24.73 30.82 5.03
N MET E 259 25.24 31.85 4.36
CA MET E 259 24.87 32.04 2.95
C MET E 259 25.63 31.09 2.02
N LEU E 260 26.93 31.00 2.18
CA LEU E 260 27.68 30.12 1.29
C LEU E 260 27.19 28.68 1.47
N SER E 261 26.89 28.29 2.71
CA SER E 261 26.23 26.98 2.96
C SER E 261 24.87 26.86 2.26
N SER E 262 24.03 27.90 2.33
CA SER E 262 22.73 27.85 1.65
C SER E 262 22.87 27.65 0.13
N LEU E 263 23.79 28.39 -0.49
CA LEU E 263 24.11 28.18 -1.91
C LEU E 263 24.60 26.76 -2.20
N CYS E 264 25.48 26.23 -1.35
CA CYS E 264 25.94 24.86 -1.56
C CYS E 264 24.81 23.84 -1.41
N PHE E 265 23.89 24.05 -0.46
CA PHE E 265 22.79 23.10 -0.32
C PHE E 265 21.76 23.22 -1.44
N LEU E 266 21.58 24.40 -2.02
CA LEU E 266 20.83 24.51 -3.27
C LEU E 266 21.47 23.70 -4.40
N GLY E 267 22.79 23.74 -4.50
CA GLY E 267 23.50 22.88 -5.44
C GLY E 267 23.37 21.41 -5.09
N ALA E 268 23.39 21.09 -3.81
CA ALA E 268 23.29 19.70 -3.38
C ALA E 268 21.92 19.10 -3.69
N ILE E 269 20.85 19.88 -3.50
CA ILE E 269 19.52 19.46 -3.96
C ILE E 269 19.48 19.27 -5.46
N ALA E 270 20.14 20.16 -6.20
CA ALA E 270 20.20 19.99 -7.65
C ALA E 270 20.87 18.68 -8.05
N VAL E 271 22.03 18.40 -7.43
CA VAL E 271 22.78 17.18 -7.73
C VAL E 271 22.01 15.93 -7.29
N ASP E 272 21.42 15.94 -6.09
CA ASP E 272 20.59 14.83 -5.64
C ASP E 272 19.44 14.51 -6.60
N ARG E 273 18.68 15.53 -7.01
CA ARG E 273 17.61 15.31 -7.99
C ARG E 273 18.16 14.78 -9.31
N TYR E 274 19.26 15.38 -9.78
CA TYR E 274 19.89 14.93 -11.03
C TYR E 274 20.29 13.45 -10.93
N ILE E 275 20.96 13.04 -9.85
CA ILE E 275 21.36 11.65 -9.58
C ILE E 275 20.15 10.81 -9.21
N SER E 276 18.96 11.41 -9.20
CA SER E 276 17.73 10.65 -9.02
C SER E 276 16.88 10.59 -10.27
N ILE E 277 17.20 11.36 -11.30
CA ILE E 277 16.57 11.15 -12.60
C ILE E 277 17.49 10.31 -13.50
N PHE E 278 18.67 10.86 -13.81
CA PHE E 278 19.73 10.06 -14.39
C PHE E 278 20.37 9.23 -13.29
N TYR E 279 20.81 8.02 -13.65
CA TYR E 279 21.24 7.00 -12.68
C TYR E 279 20.10 6.63 -11.75
N ALA E 280 18.87 6.67 -12.26
CA ALA E 280 17.67 6.46 -11.45
C ALA E 280 17.65 5.12 -10.75
N LEU E 281 18.19 4.07 -11.39
CA LEU E 281 18.17 2.75 -10.77
C LEU E 281 19.22 2.61 -9.68
N ARG E 282 20.43 3.05 -9.95
CA ARG E 282 21.52 2.96 -8.99
C ARG E 282 21.50 4.08 -7.97
N TYR E 283 20.41 4.84 -7.92
CA TYR E 283 20.30 6.02 -7.06
C TYR E 283 20.70 5.72 -5.60
N HIS E 284 20.08 4.69 -5.00
CA HIS E 284 20.38 4.35 -3.61
C HIS E 284 21.72 3.64 -3.42
N SER E 285 22.43 3.32 -4.50
CA SER E 285 23.83 2.90 -4.35
C SER E 285 24.80 4.07 -4.45
N ILE E 286 24.46 5.08 -5.24
CA ILE E 286 25.33 6.24 -5.39
C ILE E 286 25.15 7.21 -4.23
N VAL E 287 23.92 7.65 -3.99
CA VAL E 287 23.63 8.56 -2.88
C VAL E 287 23.06 7.77 -1.70
N THR E 288 23.66 7.99 -0.52
CA THR E 288 23.31 7.29 0.69
C THR E 288 23.34 8.30 1.81
N LEU E 289 22.60 8.00 2.87
CA LEU E 289 22.56 8.89 4.03
C LEU E 289 23.90 9.07 4.74
N PRO E 290 24.77 8.07 4.83
CA PRO E 290 26.17 8.36 5.22
C PRO E 290 26.87 9.41 4.38
N ARG E 291 26.81 9.26 3.05
CA ARG E 291 27.45 10.23 2.17
C ARG E 291 26.74 11.56 2.24
N ALA E 292 25.44 11.57 2.46
CA ALA E 292 24.74 12.84 2.67
C ALA E 292 25.27 13.56 3.90
N ARG E 293 25.42 12.83 5.01
CA ARG E 293 26.00 13.39 6.23
C ARG E 293 27.39 13.96 6.00
N ARG E 294 28.24 13.19 5.33
CA ARG E 294 29.61 13.63 4.99
C ARG E 294 29.62 14.89 4.13
N ALA E 295 28.77 14.96 3.11
CA ALA E 295 28.67 16.16 2.27
C ALA E 295 28.20 17.38 3.06
N VAL E 296 27.16 17.20 3.90
CA VAL E 296 26.68 18.31 4.75
C VAL E 296 27.77 18.84 5.67
N ALA E 297 28.51 17.94 6.32
CA ALA E 297 29.60 18.37 7.17
C ALA E 297 30.67 19.11 6.38
N ALA E 298 31.07 18.56 5.25
CA ALA E 298 32.09 19.20 4.43
C ALA E 298 31.66 20.61 3.99
N ILE E 299 30.39 20.76 3.63
CA ILE E 299 29.86 22.08 3.23
C ILE E 299 29.92 23.08 4.37
N TRP E 300 29.55 22.67 5.59
CA TRP E 300 29.63 23.62 6.70
C TRP E 300 31.07 23.97 7.10
N VAL E 301 31.95 22.97 7.13
CA VAL E 301 33.38 23.24 7.37
C VAL E 301 33.95 24.22 6.35
N ALA E 302 33.77 23.94 5.05
CA ALA E 302 34.21 24.88 4.02
C ALA E 302 33.58 26.27 4.16
N SER E 303 32.29 26.32 4.51
CA SER E 303 31.61 27.59 4.67
C SER E 303 32.23 28.46 5.75
N VAL E 304 32.60 27.85 6.88
CA VAL E 304 33.23 28.64 7.93
C VAL E 304 34.69 29.00 7.57
N VAL E 305 35.48 28.06 7.05
CA VAL E 305 36.88 28.36 6.71
C VAL E 305 37.00 29.48 5.66
N PHE E 306 36.17 29.45 4.62
CA PHE E 306 36.12 30.55 3.66
C PHE E 306 35.49 31.81 4.24
N SER E 307 34.39 31.70 4.99
CA SER E 307 33.78 32.91 5.50
C SER E 307 34.76 33.68 6.38
N THR E 308 35.48 32.97 7.25
CA THR E 308 36.55 33.54 8.07
C THR E 308 37.64 34.17 7.21
N LEU E 309 38.15 33.43 6.21
CA LEU E 309 39.20 34.00 5.36
C LEU E 309 38.73 35.26 4.61
N PHE E 310 37.49 35.22 4.10
CA PHE E 310 36.96 36.34 3.33
C PHE E 310 36.78 37.60 4.13
N ILE E 311 36.27 37.48 5.35
CA ILE E 311 36.05 38.65 6.21
C ILE E 311 37.33 39.08 6.93
N ALA E 312 38.41 38.29 6.84
CA ALA E 312 39.71 38.77 7.25
C ALA E 312 40.35 39.62 6.16
N TYR E 313 40.40 39.11 4.93
CA TYR E 313 41.01 39.78 3.79
C TYR E 313 40.02 40.61 2.99
N TYR E 314 38.91 41.03 3.61
CA TYR E 314 37.75 41.52 2.87
C TYR E 314 38.06 42.70 1.96
N ASP E 315 39.05 43.52 2.31
CA ASP E 315 39.35 44.70 1.49
C ASP E 315 40.20 44.38 0.27
N HIS E 316 40.76 43.17 0.19
CA HIS E 316 41.39 42.73 -1.04
C HIS E 316 40.34 42.31 -2.06
N VAL E 317 40.61 42.73 -3.29
CA VAL E 317 39.76 42.46 -4.46
C VAL E 317 39.45 40.97 -4.61
N ALA E 318 40.43 40.12 -4.30
CA ALA E 318 40.30 38.69 -4.59
C ALA E 318 39.12 38.06 -3.88
N VAL E 319 38.77 38.55 -2.69
CA VAL E 319 37.63 38.01 -1.97
C VAL E 319 36.32 38.31 -2.70
N LEU E 320 36.14 39.56 -3.12
CA LEU E 320 34.92 39.95 -3.82
C LEU E 320 34.81 39.22 -5.15
N LEU E 321 35.92 39.15 -5.89
CA LEU E 321 35.91 38.46 -7.16
C LEU E 321 35.61 36.98 -7.00
N CYS E 322 36.20 36.33 -6.00
CA CYS E 322 35.91 34.92 -5.75
C CYS E 322 34.48 34.67 -5.30
N LEU E 323 33.91 35.55 -4.49
CA LEU E 323 32.49 35.44 -4.15
C LEU E 323 31.60 35.53 -5.39
N VAL E 324 31.88 36.48 -6.27
CA VAL E 324 31.12 36.59 -7.53
C VAL E 324 31.28 35.33 -8.38
N VAL E 325 32.51 34.87 -8.55
CA VAL E 325 32.79 33.67 -9.32
C VAL E 325 32.09 32.45 -8.73
N PHE E 326 32.02 32.40 -7.41
CA PHE E 326 31.31 31.32 -6.72
C PHE E 326 29.81 31.35 -7.02
N PHE E 327 29.20 32.54 -6.94
CA PHE E 327 27.79 32.62 -7.32
C PHE E 327 27.55 32.27 -8.79
N LEU E 328 28.42 32.72 -9.69
CA LEU E 328 28.26 32.39 -11.11
C LEU E 328 28.41 30.89 -11.38
N ALA E 329 29.40 30.25 -10.75
CA ALA E 329 29.52 28.79 -10.87
C ALA E 329 28.31 28.05 -10.33
N MET E 330 27.78 28.48 -9.18
CA MET E 330 26.60 27.80 -8.65
C MET E 330 25.38 28.01 -9.57
N LEU E 331 25.21 29.22 -10.10
CA LEU E 331 24.14 29.47 -11.06
C LEU E 331 24.28 28.61 -12.31
N VAL E 332 25.50 28.48 -12.84
CA VAL E 332 25.74 27.60 -13.98
C VAL E 332 25.44 26.14 -13.64
N LEU E 333 25.87 25.67 -12.47
CA LEU E 333 25.60 24.29 -12.07
C LEU E 333 24.10 24.01 -12.00
N MET E 334 23.35 24.87 -11.30
CA MET E 334 21.90 24.70 -11.19
C MET E 334 21.24 24.76 -12.55
N ALA E 335 21.62 25.74 -13.37
CA ALA E 335 21.00 25.87 -14.70
C ALA E 335 21.23 24.63 -15.54
N VAL E 336 22.49 24.15 -15.61
CA VAL E 336 22.80 22.99 -16.45
C VAL E 336 22.06 21.74 -16.00
N LEU E 337 22.10 21.45 -14.70
CA LEU E 337 21.40 20.29 -14.17
C LEU E 337 19.88 20.35 -14.40
N TYR E 338 19.26 21.48 -14.02
CA TYR E 338 17.80 21.60 -14.12
C TYR E 338 17.28 21.65 -15.58
N VAL E 339 17.99 22.35 -16.45
CA VAL E 339 17.64 22.33 -17.88
C VAL E 339 17.79 20.94 -18.51
N HIS E 340 18.82 20.19 -18.14
CA HIS E 340 18.93 18.80 -18.61
C HIS E 340 17.78 17.91 -18.09
N MET E 341 17.42 18.08 -16.83
CA MET E 341 16.28 17.35 -16.27
C MET E 341 14.97 17.69 -16.98
N LEU E 342 14.76 18.98 -17.28
CA LEU E 342 13.53 19.35 -18.00
C LEU E 342 13.49 18.81 -19.42
N ALA E 343 14.62 18.77 -20.11
CA ALA E 343 14.65 18.14 -21.44
C ALA E 343 14.24 16.67 -21.34
N ARG E 344 14.73 15.98 -20.32
CA ARG E 344 14.32 14.59 -20.14
C ARG E 344 12.84 14.46 -19.79
N ALA E 345 12.31 15.39 -18.98
CA ALA E 345 10.89 15.36 -18.73
C ALA E 345 10.07 15.60 -20.00
N CYS E 346 10.55 16.46 -20.90
CA CYS E 346 9.84 16.67 -22.15
C CYS E 346 9.90 15.45 -23.07
N GLN E 347 11.00 14.70 -23.06
CA GLN E 347 11.04 13.44 -23.78
C GLN E 347 10.02 12.44 -23.23
N HIS E 348 9.91 12.33 -21.91
CA HIS E 348 8.88 11.47 -21.33
C HIS E 348 7.48 11.95 -21.70
N ALA E 349 7.23 13.26 -21.68
CA ALA E 349 5.91 13.76 -22.06
C ALA E 349 5.57 13.44 -23.52
N GLN E 350 6.55 13.50 -24.41
CA GLN E 350 6.33 13.07 -25.78
C GLN E 350 6.03 11.58 -25.92
N GLY E 351 6.75 10.74 -25.17
CA GLY E 351 6.43 9.32 -25.16
C GLY E 351 5.02 9.03 -24.69
N ILE E 352 4.59 9.70 -23.61
CA ILE E 352 3.20 9.60 -23.15
C ILE E 352 2.22 10.07 -24.21
N ALA E 353 2.49 11.20 -24.83
CA ALA E 353 1.56 11.66 -25.87
C ALA E 353 1.45 10.64 -27.01
N ARG E 354 2.56 10.09 -27.47
CA ARG E 354 2.51 9.09 -28.54
C ARG E 354 1.72 7.85 -28.17
N LEU E 355 1.80 7.39 -26.92
CA LEU E 355 0.92 6.26 -26.59
C LEU E 355 -0.54 6.67 -26.38
N HIS E 356 -0.74 7.72 -25.58
CA HIS E 356 -2.09 8.14 -25.18
C HIS E 356 -2.93 8.61 -26.36
N LYS E 357 -2.33 9.29 -27.31
CA LYS E 357 -3.06 9.68 -28.51
C LYS E 357 -3.36 8.46 -29.38
N LEU E 368 4.80 22.16 -20.06
CA LEU E 368 4.58 23.55 -19.67
C LEU E 368 4.78 23.70 -18.18
N LYS E 369 4.21 22.76 -17.43
CA LYS E 369 4.38 22.77 -15.99
C LYS E 369 5.84 22.68 -15.60
N GLY E 370 6.62 21.86 -16.33
CA GLY E 370 8.06 21.78 -16.12
C GLY E 370 8.75 23.10 -16.35
N ALA E 371 8.41 23.77 -17.44
CA ALA E 371 8.96 25.12 -17.69
C ALA E 371 8.59 26.12 -16.58
N VAL E 372 7.33 26.08 -16.11
CA VAL E 372 6.93 26.95 -15.00
C VAL E 372 7.77 26.65 -13.77
N THR E 373 7.88 25.36 -13.40
CA THR E 373 8.66 24.98 -12.21
C THR E 373 10.12 25.41 -12.33
N LEU E 374 10.74 25.14 -13.48
CA LEU E 374 12.16 25.47 -13.63
C LEU E 374 12.40 26.97 -13.64
N THR E 375 11.52 27.72 -14.31
CA THR E 375 11.64 29.17 -14.32
C THR E 375 11.34 29.80 -12.97
N ILE E 376 10.53 29.17 -12.13
CA ILE E 376 10.40 29.65 -10.75
C ILE E 376 11.65 29.36 -9.94
N LEU E 377 12.16 28.13 -10.02
CA LEU E 377 13.36 27.78 -9.27
C LEU E 377 14.52 28.71 -9.62
N LEU E 378 14.88 28.78 -10.91
CA LEU E 378 15.99 29.62 -11.32
C LEU E 378 15.70 31.13 -11.26
N GLY E 379 14.44 31.54 -11.49
CA GLY E 379 14.12 32.95 -11.42
C GLY E 379 14.29 33.48 -10.02
N ILE E 380 13.71 32.78 -9.05
CA ILE E 380 13.88 33.18 -7.65
C ILE E 380 15.33 33.10 -7.23
N PHE E 381 16.04 32.04 -7.62
CA PHE E 381 17.48 31.96 -7.32
C PHE E 381 18.26 33.16 -7.86
N PHE E 382 18.12 33.46 -9.16
CA PHE E 382 18.83 34.57 -9.81
C PHE E 382 18.35 35.97 -9.37
N LEU E 383 17.05 36.19 -9.27
CA LEU E 383 16.51 37.48 -8.84
C LEU E 383 16.87 37.88 -7.39
N CYS E 384 16.82 36.95 -6.47
CA CYS E 384 17.05 37.27 -5.06
C CYS E 384 18.49 37.12 -4.59
N TRP E 385 19.32 36.37 -5.27
CA TRP E 385 20.76 36.40 -4.98
C TRP E 385 21.55 37.28 -5.93
N GLY E 386 21.18 37.34 -7.20
CA GLY E 386 21.97 37.99 -8.23
C GLY E 386 22.43 39.43 -8.04
N PRO E 387 21.53 40.34 -7.65
CA PRO E 387 21.91 41.76 -7.51
C PRO E 387 22.92 42.02 -6.39
N PHE E 388 23.02 41.17 -5.37
CA PHE E 388 24.07 41.36 -4.38
C PHE E 388 25.47 41.13 -4.97
N PHE E 389 25.65 40.03 -5.71
CA PHE E 389 26.95 39.77 -6.32
C PHE E 389 27.21 40.73 -7.48
N LEU E 390 26.14 41.28 -8.08
CA LEU E 390 26.29 42.43 -8.95
C LEU E 390 26.92 43.58 -8.21
N HIS E 391 26.39 43.88 -7.03
CA HIS E 391 26.93 44.95 -6.17
C HIS E 391 28.42 44.76 -5.89
N LEU E 392 28.79 43.58 -5.42
CA LEU E 392 30.20 43.22 -5.24
C LEU E 392 31.02 43.37 -6.52
N THR E 393 30.44 42.98 -7.66
CA THR E 393 31.14 43.09 -8.92
C THR E 393 31.39 44.56 -9.24
N LEU E 394 30.38 45.40 -9.07
CA LEU E 394 30.55 46.83 -9.34
C LEU E 394 31.48 47.49 -8.35
N ILE E 395 31.54 47.02 -7.10
CA ILE E 395 32.57 47.46 -6.17
C ILE E 395 33.96 47.13 -6.69
N VAL E 396 34.10 46.08 -7.49
CA VAL E 396 35.40 45.84 -8.12
C VAL E 396 35.56 46.61 -9.44
N LEU E 397 34.61 46.49 -10.37
CA LEU E 397 34.76 47.00 -11.73
C LEU E 397 34.51 48.50 -11.91
N CYS E 398 33.74 49.15 -11.01
CA CYS E 398 33.47 50.59 -11.11
C CYS E 398 33.31 51.20 -9.74
N PRO E 399 34.40 51.28 -8.98
CA PRO E 399 34.27 51.58 -7.55
C PRO E 399 33.72 52.96 -7.28
N GLU E 400 33.70 53.88 -8.24
CA GLU E 400 33.60 55.29 -7.89
C GLU E 400 32.85 56.12 -8.94
N HIS E 401 32.09 55.48 -9.84
CA HIS E 401 31.43 56.12 -10.98
C HIS E 401 29.94 56.27 -10.74
N PRO E 402 29.37 57.44 -11.06
CA PRO E 402 27.95 57.65 -10.82
C PRO E 402 27.05 56.69 -11.58
N THR E 403 27.48 56.20 -12.76
CA THR E 403 26.73 55.19 -13.52
C THR E 403 26.46 53.93 -12.70
N CYS E 404 27.33 53.61 -11.76
CA CYS E 404 27.13 52.49 -10.82
C CYS E 404 26.48 52.90 -9.50
N GLY E 405 26.27 54.19 -9.26
CA GLY E 405 25.97 54.68 -7.92
C GLY E 405 24.62 54.23 -7.39
N CYS E 406 23.59 54.15 -8.25
CA CYS E 406 22.28 53.66 -7.83
C CYS E 406 22.21 52.16 -7.58
N ILE E 407 23.23 51.40 -7.98
CA ILE E 407 23.36 50.04 -7.50
C ILE E 407 23.85 50.02 -6.05
N PHE E 408 24.89 50.81 -5.77
CA PHE E 408 25.43 50.87 -4.42
C PHE E 408 24.43 51.44 -3.40
N LYS E 409 23.70 52.49 -3.79
CA LYS E 409 22.74 53.12 -2.89
C LYS E 409 21.54 52.24 -2.51
N ASN E 410 21.28 51.14 -3.22
CA ASN E 410 20.17 50.23 -2.90
C ASN E 410 20.63 48.92 -2.23
N PHE E 411 21.86 48.86 -1.71
CA PHE E 411 22.42 47.66 -1.05
C PHE E 411 21.51 47.01 -0.01
N ASN E 412 20.85 47.83 0.81
CA ASN E 412 19.99 47.30 1.87
C ASN E 412 18.82 46.51 1.28
N LEU E 413 18.31 46.94 0.13
CA LEU E 413 17.31 46.13 -0.56
C LEU E 413 17.89 44.81 -1.06
N PHE E 414 19.14 44.75 -1.48
CA PHE E 414 19.70 43.47 -1.90
C PHE E 414 19.82 42.48 -0.73
N LEU E 415 20.14 42.98 0.46
CA LEU E 415 20.07 42.10 1.63
C LEU E 415 18.64 41.69 1.95
N ALA E 416 17.70 42.61 1.81
CA ALA E 416 16.31 42.27 2.00
C ALA E 416 15.85 41.22 1.00
N LEU E 417 16.36 41.27 -0.23
CA LEU E 417 16.10 40.25 -1.22
C LEU E 417 16.63 38.88 -0.83
N ILE E 418 17.81 38.83 -0.22
CA ILE E 418 18.34 37.55 0.25
C ILE E 418 17.47 36.99 1.37
N ILE E 419 16.98 37.86 2.25
CA ILE E 419 16.04 37.39 3.27
C ILE E 419 14.73 36.92 2.63
N CYS E 420 14.31 37.60 1.56
CA CYS E 420 13.13 37.14 0.82
C CYS E 420 13.35 35.75 0.23
N ASN E 421 14.54 35.50 -0.33
CA ASN E 421 14.89 34.16 -0.78
C ASN E 421 14.80 33.14 0.37
N ALA E 422 15.33 33.51 1.53
CA ALA E 422 15.22 32.63 2.70
C ALA E 422 13.78 32.34 3.09
N ILE E 423 12.83 33.23 2.71
CA ILE E 423 11.41 32.96 2.91
C ILE E 423 10.84 32.08 1.80
N ILE E 424 11.23 32.31 0.55
CA ILE E 424 10.62 31.61 -0.58
C ILE E 424 11.09 30.16 -0.66
N ASP E 425 12.36 29.87 -0.41
CA ASP E 425 12.89 28.52 -0.60
C ASP E 425 12.21 27.42 0.23
N PRO E 426 11.85 27.63 1.50
CA PRO E 426 10.99 26.64 2.17
C PRO E 426 9.72 26.30 1.42
N LEU E 427 9.09 27.29 0.79
CA LEU E 427 7.87 27.06 0.05
C LEU E 427 8.13 26.37 -1.28
N ILE E 428 9.32 26.54 -1.84
CA ILE E 428 9.64 25.83 -3.08
C ILE E 428 10.02 24.38 -2.80
N TYR E 429 10.81 24.13 -1.75
CA TYR E 429 11.38 22.80 -1.57
C TYR E 429 10.69 21.94 -0.49
N ALA E 430 10.43 22.48 0.70
CA ALA E 430 9.92 21.64 1.78
C ALA E 430 8.41 21.51 1.71
N PHE E 431 7.69 22.62 1.85
CA PHE E 431 6.22 22.55 1.87
C PHE E 431 5.67 22.20 0.51
N HIS E 432 6.56 21.89 -0.42
CA HIS E 432 6.20 21.30 -1.70
C HIS E 432 5.73 19.86 -1.52
N SER E 433 6.30 19.17 -0.56
CA SER E 433 5.82 17.84 -0.20
C SER E 433 4.49 17.88 0.55
N GLN E 434 3.55 17.05 0.09
CA GLN E 434 2.29 16.83 0.82
C GLN E 434 2.49 16.28 2.21
N GLU E 435 3.45 15.36 2.38
CA GLU E 435 3.69 14.78 3.69
C GLU E 435 4.20 15.83 4.67
N LEU E 436 5.04 16.75 4.21
CA LEU E 436 5.41 17.89 5.04
C LEU E 436 4.22 18.81 5.29
N ARG E 437 3.40 19.04 4.28
CA ARG E 437 2.19 19.82 4.50
C ARG E 437 1.30 19.17 5.57
N ARG E 438 1.10 17.86 5.52
CA ARG E 438 0.39 17.19 6.61
C ARG E 438 1.08 17.37 7.96
N THR E 439 2.39 17.15 8.03
CA THR E 439 3.08 17.19 9.33
C THR E 439 3.18 18.61 9.87
N LEU E 440 3.08 19.62 8.99
CA LEU E 440 2.90 21.00 9.45
C LEU E 440 1.49 21.28 9.91
N LYS E 441 0.50 20.76 9.19
CA LYS E 441 -0.88 20.95 9.62
C LYS E 441 -1.14 20.27 10.96
N GLU E 442 -0.51 19.11 11.20
CA GLU E 442 -0.69 18.36 12.45
C GLU E 442 -2.16 18.10 12.77
N ASP F 2 27.80 48.50 10.01
CA ASP F 2 26.75 48.48 8.97
C ASP F 2 25.99 47.13 8.77
N HIS F 3 24.80 47.11 8.12
CA HIS F 3 24.10 45.86 7.81
C HIS F 3 24.93 45.04 6.83
N ARG F 5 28.15 43.89 4.31
CA ARG F 5 29.45 44.36 3.93
C ARG F 5 29.66 44.84 2.51
N TRP F 6 30.85 45.45 2.27
CA TRP F 6 31.24 46.15 1.07
C TRP F 6 30.30 47.29 0.60
N LYS F 7 29.49 47.82 1.49
CA LYS F 7 28.56 48.87 1.16
C LYS F 7 29.31 50.09 0.63
#